data_1KB0
#
_entry.id   1KB0
#
_cell.length_a   97.920
_cell.length_b   74.331
_cell.length_c   92.332
_cell.angle_alpha   90.00
_cell.angle_beta   105.67
_cell.angle_gamma   90.00
#
_symmetry.space_group_name_H-M   'C 1 2 1'
#
loop_
_entity.id
_entity.type
_entity.pdbx_description
1 polymer 'quinohemoprotein alcohol dehydrogenase'
2 non-polymer 'CALCIUM ION'
3 non-polymer 'HEME C'
4 non-polymer 'TETRAHYDROFURAN-2-CARBOXYLIC ACID'
5 non-polymer 'PYRROLOQUINOLINE QUINONE'
6 non-polymer GLYCEROL
7 water water
#
_entity_poly.entity_id   1
_entity_poly.type   'polypeptide(L)'
_entity_poly.pdbx_seq_one_letter_code
;TGPAAQAAAAVQRVDGDFIRANAARTPDWPTIGVDYAETRYSRLDQINAANVKDLGLAWSYNLESTRGVEATPVVVDGIM
YVSASWSVVHAIDTRTGNRIWTYDPQIDRSTGFKGCCDVVNRGVALWKGKVYVGAWDGRLIALDAATGKEVWHQNTFEGQ
KGSLTITGAPRVFKGKVIIGNGGAEYGVRGYITAYDAETGERKWRWFSVPGDPSKPFEDESMKRAARTWDPSGKWWEAGG
GGTMWDSMTFDAELNTMYVGTGNGSPWSHKVRSPKGGDNLYLASIVALDPDTGKYKWHYQETPGDNWDYTSTQPMILADI
KIAGKPRKVILHAPKNGFFFVLDRTNGKFISAKNFVPVNWASGYDKHGKPIGIAAARDGSKPQDAVPGPYGAHNWHPMSF
NPQTGLVYLPAQNVPVNLMDDKKWEFNQAGPGKPQSGTGWNTAKFFNAEPPKSKPFGRLLAWDPVAQKAAWSVEHVSPWN
GGTLTTAGNVVFQGTADGRLVAYHAATGEKL(TRO)EAPTGTGVVAAPSTYMVDGRQYVSVAVGWGGVYGLAARATERQG
PGTVYTFVVGGKARMPEFVAQRTGQLLQGVKYDPAKVEAGTMLYVANCVFCHGVPGVDRGGNIPNLGYMDASYIENLPNF
VFKGPAMVRGMPDFTGKLSGDDVESLKAFIQGTADAIRPKP
;
_entity_poly.pdbx_strand_id   A
#
# COMPACT_ATOMS: atom_id res chain seq x y z
N THR A 1 1.91 12.68 31.69
CA THR A 1 1.78 12.40 33.15
C THR A 1 1.46 10.93 33.36
N GLY A 2 0.17 10.73 33.65
CA GLY A 2 -0.41 9.44 33.87
C GLY A 2 -0.35 8.76 32.52
N PRO A 3 -0.75 9.48 31.44
CA PRO A 3 -0.69 8.88 30.10
C PRO A 3 0.72 8.43 29.71
N ALA A 4 1.71 9.29 29.96
CA ALA A 4 3.08 8.95 29.58
C ALA A 4 3.60 7.73 30.33
N ALA A 5 3.33 7.66 31.64
CA ALA A 5 3.76 6.51 32.43
C ALA A 5 3.02 5.25 32.02
N GLN A 6 1.74 5.39 31.68
CA GLN A 6 0.95 4.22 31.23
C GLN A 6 1.56 3.72 29.90
N ALA A 7 1.94 4.67 29.06
CA ALA A 7 2.51 4.34 27.76
C ALA A 7 3.84 3.62 27.90
N ALA A 8 4.69 4.11 28.80
CA ALA A 8 5.99 3.47 29.01
C ALA A 8 5.78 2.04 29.49
N ALA A 9 4.92 1.89 30.49
CA ALA A 9 4.65 0.60 31.05
C ALA A 9 3.99 -0.37 30.07
N ALA A 10 3.04 0.15 29.30
CA ALA A 10 2.34 -0.70 28.33
C ALA A 10 3.29 -1.21 27.22
N VAL A 11 4.05 -0.32 26.62
CA VAL A 11 4.91 -0.72 25.51
C VAL A 11 6.10 -1.50 25.99
N GLN A 12 6.54 -1.26 27.24
CA GLN A 12 7.64 -2.06 27.78
C GLN A 12 7.28 -3.55 27.76
N ARG A 13 6.00 -3.86 27.92
CA ARG A 13 5.57 -5.25 27.97
C ARG A 13 5.54 -5.96 26.61
N VAL A 14 5.67 -5.20 25.51
CA VAL A 14 5.54 -5.83 24.22
C VAL A 14 6.77 -6.57 23.73
N ASP A 15 6.60 -7.87 23.58
CA ASP A 15 7.66 -8.72 23.04
C ASP A 15 6.93 -9.91 22.45
N GLY A 16 7.66 -10.90 21.93
CA GLY A 16 7.02 -12.06 21.32
C GLY A 16 6.09 -12.85 22.21
N ASP A 17 6.51 -13.02 23.47
CA ASP A 17 5.63 -13.77 24.37
C ASP A 17 4.34 -13.00 24.62
N PHE A 18 4.42 -11.69 24.69
CA PHE A 18 3.24 -10.87 24.91
C PHE A 18 2.28 -10.98 23.74
N ILE A 19 2.79 -10.90 22.53
CA ILE A 19 1.93 -11.00 21.34
C ILE A 19 1.21 -12.36 21.31
N ARG A 20 1.90 -13.43 21.70
CA ARG A 20 1.27 -14.75 21.77
C ARG A 20 0.23 -14.83 22.90
N ALA A 21 0.55 -14.32 24.06
CA ALA A 21 -0.38 -14.39 25.18
C ALA A 21 -1.62 -13.57 24.87
N ASN A 22 -1.50 -12.55 24.01
CA ASN A 22 -2.66 -11.72 23.67
C ASN A 22 -3.72 -12.40 22.76
N ALA A 23 -3.38 -13.63 22.40
N ALA A 23 -3.25 -13.35 21.98
CA ALA A 23 -4.24 -14.46 21.54
CA ALA A 23 -4.06 -14.02 20.96
C ALA A 23 -5.51 -14.99 22.18
C ALA A 23 -5.57 -14.31 20.81
N ALA A 24 -5.42 -15.48 23.40
N ALA A 24 -6.39 -14.94 21.66
CA ALA A 24 -6.59 -16.06 24.02
CA ALA A 24 -6.24 -15.53 22.97
C ALA A 24 -7.76 -15.10 24.13
C ALA A 24 -7.57 -14.85 23.33
N ARG A 25 -7.51 -13.79 24.13
CA ARG A 25 -8.68 -12.94 24.40
C ARG A 25 -8.57 -11.58 23.70
N THR A 26 -7.42 -11.30 23.10
CA THR A 26 -7.10 -10.04 22.41
C THR A 26 -7.63 -8.74 23.00
N PRO A 27 -7.29 -8.45 24.26
CA PRO A 27 -7.78 -7.17 24.80
C PRO A 27 -6.98 -6.02 24.15
N ASP A 28 -5.77 -6.32 23.69
CA ASP A 28 -4.96 -5.29 23.06
C ASP A 28 -4.82 -5.62 21.56
N TRP A 29 -4.39 -4.64 20.76
CA TRP A 29 -4.12 -4.84 19.31
C TRP A 29 -2.67 -4.36 19.22
N PRO A 30 -1.72 -5.24 19.58
CA PRO A 30 -0.32 -4.89 19.63
C PRO A 30 0.53 -4.75 18.42
N THR A 31 0.04 -5.28 17.30
CA THR A 31 0.75 -5.17 16.03
C THR A 31 -0.33 -4.69 15.04
N ILE A 32 0.09 -4.14 13.91
CA ILE A 32 -0.91 -3.62 12.98
C ILE A 32 -1.86 -4.74 12.53
N GLY A 33 -1.39 -5.98 12.55
CA GLY A 33 -2.26 -7.08 12.14
C GLY A 33 -2.83 -7.95 13.25
N VAL A 34 -2.77 -7.43 14.48
CA VAL A 34 -3.14 -8.03 15.79
C VAL A 34 -2.14 -9.06 16.26
N ASP A 35 -1.70 -9.97 15.42
CA ASP A 35 -0.75 -11.01 15.79
C ASP A 35 0.30 -11.19 14.73
N TYR A 36 1.24 -12.09 14.96
CA TYR A 36 2.32 -12.29 13.98
C TYR A 36 1.85 -12.84 12.63
N ALA A 37 0.77 -13.62 12.64
CA ALA A 37 0.18 -14.17 11.43
C ALA A 37 -0.57 -13.10 10.64
N GLU A 38 -0.79 -11.97 11.31
CA GLU A 38 -1.56 -10.82 10.76
C GLU A 38 -2.94 -11.20 10.25
N THR A 39 -3.67 -11.94 11.09
CA THR A 39 -5.01 -12.35 10.74
C THR A 39 -6.02 -11.20 10.75
N ARG A 40 -5.73 -10.16 11.54
CA ARG A 40 -6.62 -9.02 11.72
C ARG A 40 -8.02 -9.45 12.21
N TYR A 41 -7.92 -10.46 13.08
CA TYR A 41 -9.09 -11.04 13.77
C TYR A 41 -9.02 -10.80 15.25
N SER A 42 -10.05 -10.13 15.77
CA SER A 42 -10.14 -9.91 17.21
C SER A 42 -11.05 -10.99 17.78
N ARG A 43 -10.65 -11.49 18.93
CA ARG A 43 -11.44 -12.46 19.66
C ARG A 43 -12.48 -11.75 20.54
N LEU A 44 -12.49 -10.42 20.56
CA LEU A 44 -13.48 -9.69 21.39
C LEU A 44 -14.88 -9.81 20.80
N ASP A 45 -15.89 -10.05 21.65
CA ASP A 45 -17.24 -10.15 21.12
C ASP A 45 -18.24 -9.32 21.92
N GLN A 46 -17.76 -8.32 22.64
CA GLN A 46 -18.69 -7.44 23.36
C GLN A 46 -19.54 -6.73 22.32
N ILE A 47 -18.90 -6.27 21.24
CA ILE A 47 -19.63 -5.70 20.10
C ILE A 47 -19.93 -6.94 19.22
N ASN A 48 -21.21 -7.17 18.97
CA ASN A 48 -21.60 -8.37 18.20
C ASN A 48 -22.69 -8.03 17.21
N ALA A 49 -23.16 -9.03 16.49
CA ALA A 49 -24.14 -8.73 15.47
C ALA A 49 -25.47 -8.18 15.97
N ALA A 50 -25.82 -8.52 17.19
CA ALA A 50 -27.07 -8.08 17.79
C ALA A 50 -27.07 -6.68 18.35
N ASN A 51 -25.88 -6.17 18.73
CA ASN A 51 -25.81 -4.80 19.31
C ASN A 51 -24.97 -3.82 18.50
N VAL A 52 -24.36 -4.27 17.39
CA VAL A 52 -23.53 -3.33 16.66
C VAL A 52 -24.32 -2.14 16.12
N LYS A 53 -25.63 -2.30 15.94
CA LYS A 53 -26.47 -1.20 15.50
C LYS A 53 -26.45 -0.03 16.50
N ASP A 54 -26.00 -0.29 17.72
CA ASP A 54 -25.97 0.75 18.74
C ASP A 54 -24.60 1.38 18.91
N LEU A 55 -23.69 1.12 17.97
CA LEU A 55 -22.40 1.82 18.01
C LEU A 55 -22.57 3.31 17.81
N GLY A 56 -21.83 4.07 18.59
CA GLY A 56 -21.81 5.50 18.44
C GLY A 56 -20.36 5.98 18.64
N LEU A 57 -20.16 7.24 18.31
CA LEU A 57 -18.81 7.79 18.41
C LEU A 57 -18.41 8.05 19.85
N ALA A 58 -17.32 7.44 20.29
CA ALA A 58 -16.78 7.69 21.62
C ALA A 58 -15.93 8.98 21.61
N TRP A 59 -15.06 9.12 20.61
CA TRP A 59 -14.22 10.31 20.45
C TRP A 59 -13.60 10.30 19.07
N SER A 60 -13.10 11.46 18.65
CA SER A 60 -12.36 11.54 17.39
C SER A 60 -11.13 12.39 17.68
N TYR A 61 -10.10 12.17 16.89
CA TYR A 61 -8.83 12.86 17.04
C TYR A 61 -8.35 13.36 15.71
N ASN A 62 -7.91 14.62 15.70
CA ASN A 62 -7.47 15.28 14.48
C ASN A 62 -5.97 15.02 14.20
N LEU A 63 -5.67 14.28 13.13
CA LEU A 63 -4.29 13.96 12.76
C LEU A 63 -3.61 15.16 12.09
N GLU A 64 -4.41 16.11 11.67
CA GLU A 64 -3.97 17.33 11.01
C GLU A 64 -3.42 17.16 9.60
N SER A 65 -3.43 15.95 9.07
CA SER A 65 -2.91 15.67 7.72
C SER A 65 -3.98 16.00 6.67
N THR A 66 -3.53 16.09 5.41
CA THR A 66 -4.47 16.30 4.31
C THR A 66 -4.23 15.22 3.23
N ARG A 67 -3.22 14.37 3.40
CA ARG A 67 -2.91 13.38 2.39
C ARG A 67 -3.30 11.98 2.88
N GLY A 68 -2.87 10.92 2.21
CA GLY A 68 -3.38 9.64 2.67
C GLY A 68 -2.93 9.19 4.06
N VAL A 69 -3.84 8.44 4.71
CA VAL A 69 -3.62 7.87 6.02
C VAL A 69 -3.92 6.36 5.82
N GLU A 70 -2.87 5.55 5.86
CA GLU A 70 -3.04 4.11 5.58
C GLU A 70 -2.87 3.21 6.77
N ALA A 71 -2.51 3.77 7.92
CA ALA A 71 -2.22 2.93 9.06
C ALA A 71 -3.37 2.47 9.93
N THR A 72 -3.26 1.22 10.40
CA THR A 72 -4.16 0.74 11.42
C THR A 72 -3.51 1.12 12.77
N PRO A 73 -4.29 1.66 13.72
CA PRO A 73 -3.67 2.02 15.03
C PRO A 73 -3.33 0.77 15.82
N VAL A 74 -2.22 0.81 16.54
CA VAL A 74 -1.90 -0.27 17.48
C VAL A 74 -2.22 0.29 18.89
N VAL A 75 -2.70 -0.58 19.76
CA VAL A 75 -3.17 -0.17 21.09
C VAL A 75 -2.81 -1.18 22.14
N VAL A 76 -2.20 -0.72 23.24
CA VAL A 76 -1.87 -1.63 24.33
C VAL A 76 -2.27 -0.87 25.58
N ASP A 77 -3.11 -1.49 26.39
CA ASP A 77 -3.65 -0.87 27.61
C ASP A 77 -4.21 0.52 27.40
N GLY A 78 -4.99 0.68 26.33
CA GLY A 78 -5.61 1.96 26.03
C GLY A 78 -4.69 3.06 25.51
N ILE A 79 -3.42 2.73 25.21
CA ILE A 79 -2.47 3.73 24.68
C ILE A 79 -2.33 3.38 23.19
N MET A 80 -2.71 4.34 22.35
CA MET A 80 -2.72 4.14 20.90
C MET A 80 -1.57 4.81 20.17
N TYR A 81 -1.07 4.14 19.14
CA TYR A 81 -0.03 4.74 18.28
C TYR A 81 -0.44 4.57 16.84
N VAL A 82 -0.42 5.66 16.08
CA VAL A 82 -0.80 5.58 14.66
C VAL A 82 -0.05 6.66 13.91
N SER A 83 0.29 6.36 12.65
CA SER A 83 0.98 7.38 11.84
C SER A 83 -0.02 8.04 10.90
N ALA A 84 0.36 9.22 10.39
CA ALA A 84 -0.47 9.95 9.44
C ALA A 84 0.38 10.17 8.18
N SER A 85 0.12 11.24 7.44
CA SER A 85 0.89 11.55 6.24
C SER A 85 2.30 12.06 6.57
N TRP A 86 3.21 11.97 5.62
CA TRP A 86 4.62 12.43 5.81
C TRP A 86 5.30 11.79 7.01
N SER A 87 4.90 10.55 7.33
CA SER A 87 5.55 9.76 8.38
C SER A 87 5.43 10.32 9.78
N VAL A 88 4.42 11.16 10.01
CA VAL A 88 4.23 11.71 11.38
C VAL A 88 3.57 10.67 12.29
N VAL A 89 4.08 10.53 13.51
CA VAL A 89 3.52 9.52 14.45
C VAL A 89 2.78 10.20 15.60
N HIS A 90 1.60 9.68 15.93
CA HIS A 90 0.81 10.23 17.03
C HIS A 90 0.60 9.17 18.10
N ALA A 91 0.76 9.57 19.36
CA ALA A 91 0.50 8.69 20.51
C ALA A 91 -0.72 9.35 21.17
N ILE A 92 -1.79 8.57 21.31
CA ILE A 92 -3.09 9.05 21.78
C ILE A 92 -3.56 8.28 23.02
N ASP A 93 -4.03 9.00 24.03
CA ASP A 93 -4.57 8.35 25.23
C ASP A 93 -6.05 8.04 24.90
N THR A 94 -6.38 6.78 24.69
CA THR A 94 -7.75 6.49 24.32
C THR A 94 -8.77 6.73 25.43
N ARG A 95 -8.32 6.88 26.66
CA ARG A 95 -9.26 7.13 27.78
C ARG A 95 -9.81 8.56 27.75
N THR A 96 -9.10 9.45 27.06
CA THR A 96 -9.51 10.85 26.96
C THR A 96 -9.67 11.32 25.52
N GLY A 97 -9.07 10.58 24.57
CA GLY A 97 -9.10 10.96 23.16
C GLY A 97 -8.06 12.04 22.87
N ASN A 98 -7.22 12.32 23.88
CA ASN A 98 -6.23 13.39 23.73
C ASN A 98 -4.83 12.93 23.37
N ARG A 99 -4.10 13.84 22.72
CA ARG A 99 -2.73 13.59 22.38
C ARG A 99 -1.83 13.38 23.60
N ILE A 100 -0.91 12.44 23.51
CA ILE A 100 0.11 12.23 24.56
C ILE A 100 1.34 12.90 23.94
N TRP A 101 1.69 12.56 22.68
CA TRP A 101 2.80 13.18 22.00
C TRP A 101 2.68 12.95 20.51
N THR A 102 3.46 13.71 19.76
CA THR A 102 3.51 13.64 18.33
C THR A 102 5.01 13.65 17.96
N TYR A 103 5.43 12.77 17.04
CA TYR A 103 6.81 12.79 16.54
C TYR A 103 6.74 13.07 15.03
N ASP A 104 7.31 14.18 14.63
CA ASP A 104 7.35 14.61 13.22
C ASP A 104 8.80 14.53 12.77
N PRO A 105 9.15 13.61 11.85
CA PRO A 105 10.53 13.47 11.36
C PRO A 105 10.90 14.64 10.45
N GLN A 106 9.95 15.54 10.18
CA GLN A 106 10.22 16.72 9.37
C GLN A 106 10.76 16.39 8.00
N ILE A 107 9.98 15.54 7.29
CA ILE A 107 10.39 15.17 5.93
C ILE A 107 10.43 16.41 5.04
N ASP A 108 11.48 16.48 4.21
CA ASP A 108 11.61 17.55 3.24
C ASP A 108 10.42 17.43 2.26
N ARG A 109 9.47 18.35 2.34
CA ARG A 109 8.28 18.33 1.51
C ARG A 109 8.57 18.40 0.02
N SER A 110 9.75 18.93 -0.34
CA SER A 110 10.12 19.06 -1.74
C SER A 110 10.39 17.67 -2.36
N THR A 111 10.44 16.64 -1.51
CA THR A 111 10.70 15.27 -1.96
C THR A 111 9.45 14.40 -2.10
N GLY A 112 8.28 15.03 -2.08
CA GLY A 112 7.04 14.22 -2.25
C GLY A 112 7.08 13.47 -3.57
N PHE A 113 7.75 14.02 -4.57
CA PHE A 113 7.81 13.38 -5.90
C PHE A 113 8.56 12.07 -5.93
N LYS A 114 9.32 11.73 -4.88
CA LYS A 114 10.14 10.54 -4.91
C LYS A 114 9.40 9.23 -4.73
N GLY A 115 8.13 9.35 -4.32
CA GLY A 115 7.31 8.15 -4.13
C GLY A 115 6.19 8.14 -5.17
N CYS A 116 5.86 6.94 -5.63
CA CYS A 116 4.84 6.80 -6.67
C CYS A 116 3.42 6.96 -6.27
N CYS A 117 3.18 6.81 -4.96
CA CYS A 117 1.82 6.45 -4.54
C CYS A 117 1.31 7.07 -3.29
N ASP A 118 1.62 8.36 -3.15
CA ASP A 118 1.20 9.20 -2.02
C ASP A 118 2.19 9.07 -0.85
N VAL A 119 2.15 10.09 0.00
CA VAL A 119 3.13 10.21 1.10
C VAL A 119 2.65 9.51 2.37
N VAL A 120 2.47 8.22 2.17
CA VAL A 120 1.86 7.36 3.17
C VAL A 120 2.74 6.54 4.07
N ASN A 121 2.08 5.99 5.09
CA ASN A 121 2.78 5.18 6.08
C ASN A 121 1.78 4.18 6.64
N ARG A 122 2.14 2.89 6.61
CA ARG A 122 1.20 1.87 7.03
C ARG A 122 1.26 1.47 8.50
N GLY A 123 2.00 2.25 9.30
CA GLY A 123 1.95 2.02 10.74
C GLY A 123 3.27 1.88 11.43
N VAL A 124 3.19 1.79 12.76
CA VAL A 124 4.37 1.63 13.61
C VAL A 124 4.41 0.25 14.23
N ALA A 125 5.58 -0.13 14.76
CA ALA A 125 5.80 -1.38 15.48
C ALA A 125 6.17 -1.05 16.91
N LEU A 126 5.76 -1.92 17.81
CA LEU A 126 6.04 -1.78 19.26
C LEU A 126 7.00 -2.87 19.72
N TRP A 127 7.93 -2.52 20.60
CA TRP A 127 8.81 -3.57 21.12
C TRP A 127 9.57 -3.01 22.31
N LYS A 128 9.42 -3.69 23.45
CA LYS A 128 10.14 -3.35 24.69
C LYS A 128 10.40 -1.86 24.92
N GLY A 129 9.29 -1.10 25.02
CA GLY A 129 9.37 0.30 25.35
C GLY A 129 9.59 1.30 24.26
N LYS A 130 9.77 0.81 23.04
CA LYS A 130 10.01 1.73 21.90
C LYS A 130 8.96 1.55 20.78
N VAL A 131 8.76 2.64 20.04
CA VAL A 131 7.83 2.71 18.89
C VAL A 131 8.71 2.94 17.68
N TYR A 132 8.53 2.09 16.64
CA TYR A 132 9.37 2.17 15.45
C TYR A 132 8.60 2.61 14.22
N VAL A 133 9.19 3.55 13.51
CA VAL A 133 8.59 4.03 12.28
C VAL A 133 9.60 4.06 11.14
N GLY A 134 9.12 3.66 9.96
CA GLY A 134 9.94 3.72 8.74
C GLY A 134 9.56 5.03 8.06
N ALA A 135 10.47 5.99 8.04
CA ALA A 135 10.20 7.31 7.48
C ALA A 135 10.42 7.44 5.97
N TRP A 136 9.69 8.39 5.37
CA TRP A 136 9.71 8.59 3.92
C TRP A 136 11.10 8.66 3.35
N ASP A 137 11.99 9.35 4.08
CA ASP A 137 13.36 9.58 3.61
C ASP A 137 14.38 8.50 3.90
N GLY A 138 13.92 7.34 4.34
CA GLY A 138 14.79 6.22 4.57
C GLY A 138 15.26 5.96 5.98
N ARG A 139 14.92 6.85 6.90
CA ARG A 139 15.33 6.54 8.27
C ARG A 139 14.40 5.54 8.95
N LEU A 140 14.99 4.57 9.61
CA LEU A 140 14.20 3.66 10.49
C LEU A 140 14.45 4.33 11.84
N ILE A 141 13.39 4.77 12.51
CA ILE A 141 13.55 5.52 13.75
C ILE A 141 12.88 4.82 14.94
N ALA A 142 13.61 4.71 16.06
CA ALA A 142 13.03 4.10 17.27
C ALA A 142 12.77 5.25 18.22
N LEU A 143 11.55 5.31 18.73
CA LEU A 143 11.12 6.40 19.61
C LEU A 143 10.77 5.92 21.00
N ASP A 144 10.95 6.80 22.00
CA ASP A 144 10.56 6.39 23.34
C ASP A 144 9.03 6.38 23.39
N ALA A 145 8.47 5.29 23.89
CA ALA A 145 7.03 5.17 23.97
C ALA A 145 6.33 6.23 24.80
N ALA A 146 6.99 6.70 25.87
CA ALA A 146 6.35 7.69 26.74
C ALA A 146 6.47 9.13 26.29
N THR A 147 7.58 9.45 25.63
CA THR A 147 7.82 10.82 25.23
C THR A 147 7.83 11.15 23.75
N GLY A 148 8.04 10.15 22.91
CA GLY A 148 8.09 10.45 21.50
C GLY A 148 9.44 10.94 21.05
N LYS A 149 10.41 10.95 21.96
CA LYS A 149 11.76 11.38 21.59
C LYS A 149 12.53 10.25 20.95
N GLU A 150 13.42 10.60 20.00
CA GLU A 150 14.19 9.56 19.36
C GLU A 150 15.19 8.88 20.29
N VAL A 151 15.28 7.58 20.19
CA VAL A 151 16.25 6.76 20.93
C VAL A 151 17.42 6.45 19.96
N TRP A 152 17.09 6.03 18.73
CA TRP A 152 18.11 5.77 17.70
C TRP A 152 17.49 5.83 16.32
N HIS A 153 18.33 5.99 15.32
CA HIS A 153 17.84 5.94 13.92
C HIS A 153 18.91 5.34 13.07
N GLN A 154 18.50 4.76 11.93
CA GLN A 154 19.41 4.17 10.94
C GLN A 154 19.00 4.71 9.58
N ASN A 155 20.00 5.12 8.78
CA ASN A 155 19.78 5.63 7.42
C ASN A 155 19.78 4.38 6.55
N THR A 156 18.59 3.81 6.31
CA THR A 156 18.53 2.53 5.63
C THR A 156 18.83 2.55 4.13
N PHE A 157 18.93 3.74 3.56
CA PHE A 157 19.24 3.89 2.12
C PHE A 157 20.73 4.10 1.88
N GLU A 158 21.51 4.23 2.96
CA GLU A 158 22.94 4.53 2.75
C GLU A 158 23.59 3.55 1.85
N GLY A 159 24.26 4.05 0.80
CA GLY A 159 24.98 3.18 -0.12
C GLY A 159 24.14 2.54 -1.21
N GLN A 160 22.84 2.81 -1.20
CA GLN A 160 21.95 2.22 -2.20
C GLN A 160 21.41 3.31 -3.12
N LYS A 161 21.27 2.95 -4.38
CA LYS A 161 20.89 3.90 -5.41
C LYS A 161 19.43 4.02 -5.78
N GLY A 162 19.09 5.18 -6.31
CA GLY A 162 17.74 5.33 -6.84
C GLY A 162 16.76 6.02 -5.97
N SER A 163 15.55 6.20 -6.52
CA SER A 163 14.50 6.97 -5.81
C SER A 163 13.74 6.13 -4.81
N LEU A 164 14.42 5.84 -3.70
CA LEU A 164 13.88 5.06 -2.62
C LEU A 164 13.02 5.87 -1.67
N THR A 165 11.99 5.23 -1.11
CA THR A 165 11.15 5.84 -0.06
C THR A 165 10.75 4.71 0.88
N ILE A 166 10.17 5.02 2.06
CA ILE A 166 9.62 3.96 2.91
C ILE A 166 8.18 4.36 3.20
N THR A 167 7.29 3.38 3.00
CA THR A 167 5.88 3.57 3.27
C THR A 167 5.28 2.50 4.18
N GLY A 168 6.00 1.38 4.35
CA GLY A 168 5.42 0.29 5.10
C GLY A 168 5.69 0.34 6.59
N ALA A 169 4.99 -0.52 7.33
CA ALA A 169 5.25 -0.62 8.77
C ALA A 169 6.41 -1.58 9.02
N PRO A 170 7.28 -1.25 9.98
CA PRO A 170 8.35 -2.19 10.26
C PRO A 170 7.72 -3.36 11.07
N ARG A 171 8.42 -4.48 11.10
CA ARG A 171 8.07 -5.61 11.93
C ARG A 171 9.22 -5.85 12.92
N VAL A 172 8.91 -6.35 14.10
CA VAL A 172 9.96 -6.73 15.05
C VAL A 172 9.74 -8.20 15.36
N PHE A 173 10.72 -9.00 14.95
CA PHE A 173 10.66 -10.46 15.16
C PHE A 173 11.90 -10.81 15.94
N LYS A 174 11.70 -11.42 17.10
CA LYS A 174 12.83 -11.89 17.93
C LYS A 174 13.90 -10.82 18.17
N GLY A 175 13.43 -9.61 18.45
CA GLY A 175 14.34 -8.53 18.78
C GLY A 175 15.07 -7.86 17.61
N LYS A 176 14.69 -8.20 16.38
CA LYS A 176 15.27 -7.54 15.21
C LYS A 176 14.15 -6.77 14.51
N VAL A 177 14.37 -5.49 14.27
CA VAL A 177 13.37 -4.65 13.58
C VAL A 177 13.75 -4.63 12.10
N ILE A 178 12.74 -4.92 11.26
CA ILE A 178 12.92 -5.12 9.86
C ILE A 178 12.06 -4.18 9.02
N ILE A 179 12.68 -3.63 7.97
CA ILE A 179 11.94 -2.71 7.10
C ILE A 179 12.45 -2.85 5.69
N GLY A 180 11.54 -2.62 4.72
CA GLY A 180 11.91 -2.62 3.30
C GLY A 180 11.89 -1.20 2.78
N ASN A 181 11.39 -1.01 1.56
CA ASN A 181 11.33 0.32 0.94
C ASN A 181 10.50 0.19 -0.33
N GLY A 182 10.23 1.34 -0.94
CA GLY A 182 9.49 1.39 -2.20
C GLY A 182 10.36 2.12 -3.22
N GLY A 183 9.99 1.99 -4.50
CA GLY A 183 10.70 2.63 -5.60
C GLY A 183 10.82 1.89 -6.90
N ALA A 184 10.17 0.72 -7.04
CA ALA A 184 10.37 0.02 -8.28
C ALA A 184 9.79 0.72 -9.49
N GLU A 185 8.90 1.69 -9.31
CA GLU A 185 8.42 2.44 -10.51
C GLU A 185 9.54 3.33 -11.06
N TYR A 186 10.49 3.66 -10.21
CA TYR A 186 11.61 4.54 -10.58
C TYR A 186 12.86 3.80 -11.01
N GLY A 187 13.06 2.61 -10.45
CA GLY A 187 14.22 1.82 -10.78
C GLY A 187 15.14 1.74 -9.56
N VAL A 188 14.97 0.69 -8.78
CA VAL A 188 15.79 0.46 -7.58
C VAL A 188 15.93 -1.08 -7.48
N ARG A 189 16.87 -1.51 -6.64
CA ARG A 189 17.07 -2.94 -6.36
C ARG A 189 16.46 -3.22 -4.98
N GLY A 190 15.39 -4.03 -4.93
CA GLY A 190 14.72 -4.25 -3.67
C GLY A 190 15.54 -4.98 -2.58
N TYR A 191 15.31 -4.59 -1.33
CA TYR A 191 16.00 -5.24 -0.19
C TYR A 191 15.25 -4.92 1.11
N ILE A 192 15.47 -5.80 2.09
CA ILE A 192 14.99 -5.55 3.46
C ILE A 192 16.19 -5.64 4.36
N THR A 193 16.14 -4.89 5.46
CA THR A 193 17.27 -4.89 6.40
C THR A 193 16.73 -5.06 7.80
N ALA A 194 17.50 -5.82 8.60
CA ALA A 194 17.14 -6.09 9.99
C ALA A 194 18.15 -5.40 10.91
N TYR A 195 17.65 -4.75 11.95
CA TYR A 195 18.51 -4.04 12.88
C TYR A 195 18.19 -4.48 14.29
N ASP A 196 19.16 -4.40 15.19
CA ASP A 196 18.88 -4.78 16.56
C ASP A 196 17.83 -3.78 17.12
N ALA A 197 16.75 -4.29 17.72
CA ALA A 197 15.71 -3.40 18.23
C ALA A 197 16.14 -2.46 19.32
N GLU A 198 17.06 -2.91 20.17
N GLU A 198 17.09 -2.92 20.14
CA GLU A 198 17.50 -2.05 21.26
CA GLU A 198 17.54 -2.08 21.23
C GLU A 198 18.52 -0.97 20.84
C GLU A 198 18.52 -0.97 20.82
N THR A 199 19.50 -1.33 20.02
CA THR A 199 20.55 -0.38 19.65
C THR A 199 20.55 0.19 18.26
N GLY A 200 19.88 -0.51 17.33
CA GLY A 200 19.88 -0.06 15.95
C GLY A 200 20.98 -0.71 15.12
N GLU A 201 21.87 -1.49 15.76
CA GLU A 201 22.96 -2.10 14.97
C GLU A 201 22.44 -2.97 13.83
N ARG A 202 22.96 -2.76 12.62
CA ARG A 202 22.54 -3.56 11.48
C ARG A 202 22.92 -5.02 11.71
N LYS A 203 21.97 -5.92 11.46
CA LYS A 203 22.24 -7.33 11.65
C LYS A 203 22.32 -8.12 10.36
N TRP A 204 21.39 -7.88 9.43
CA TRP A 204 21.45 -8.58 8.15
C TRP A 204 20.62 -7.84 7.10
N ARG A 205 20.87 -8.22 5.85
CA ARG A 205 20.15 -7.64 4.72
C ARG A 205 19.89 -8.69 3.69
N TRP A 206 18.70 -8.66 3.07
CA TRP A 206 18.43 -9.61 1.99
C TRP A 206 17.87 -8.82 0.79
N PHE A 207 18.51 -8.98 -0.34
CA PHE A 207 18.05 -8.37 -1.60
C PHE A 207 17.16 -9.37 -2.29
N SER A 208 16.09 -8.87 -2.96
CA SER A 208 15.16 -9.77 -3.61
C SER A 208 15.45 -10.08 -5.05
N VAL A 209 16.40 -9.35 -5.63
CA VAL A 209 16.77 -9.59 -7.03
C VAL A 209 18.27 -9.48 -7.08
N PRO A 210 18.91 -10.20 -8.00
CA PRO A 210 20.38 -10.13 -8.10
C PRO A 210 20.92 -8.83 -8.63
N GLY A 211 22.17 -8.58 -8.26
CA GLY A 211 22.90 -7.43 -8.75
C GLY A 211 23.66 -7.82 -10.02
N ASP A 212 24.59 -6.97 -10.44
CA ASP A 212 25.41 -7.21 -11.63
C ASP A 212 26.07 -8.59 -11.43
N PRO A 213 25.86 -9.53 -12.36
CA PRO A 213 26.44 -10.87 -12.21
C PRO A 213 27.95 -10.98 -12.35
N SER A 214 28.59 -9.87 -12.69
CA SER A 214 30.04 -9.88 -12.78
C SER A 214 30.64 -9.48 -11.44
N LYS A 215 29.79 -9.12 -10.46
CA LYS A 215 30.24 -8.76 -9.12
C LYS A 215 29.91 -9.94 -8.18
N PRO A 216 30.64 -10.07 -7.06
CA PRO A 216 30.34 -11.17 -6.15
C PRO A 216 28.87 -11.18 -5.75
N PHE A 217 28.27 -12.36 -5.74
CA PHE A 217 26.88 -12.49 -5.28
C PHE A 217 26.86 -12.43 -3.78
N GLU A 218 25.86 -11.76 -3.22
CA GLU A 218 25.76 -11.65 -1.76
C GLU A 218 25.54 -12.98 -1.05
N ASP A 219 24.82 -13.89 -1.69
CA ASP A 219 24.56 -15.20 -1.11
C ASP A 219 24.18 -16.15 -2.22
N GLU A 220 23.99 -17.43 -1.88
CA GLU A 220 23.63 -18.37 -2.92
C GLU A 220 22.27 -18.07 -3.55
N SER A 221 21.32 -17.50 -2.79
CA SER A 221 20.01 -17.21 -3.38
C SER A 221 20.16 -16.22 -4.54
N MET A 222 21.12 -15.33 -4.43
CA MET A 222 21.36 -14.33 -5.52
C MET A 222 22.01 -15.00 -6.76
N LYS A 223 22.96 -15.91 -6.55
CA LYS A 223 23.61 -16.60 -7.67
C LYS A 223 22.56 -17.45 -8.40
N ARG A 224 21.72 -18.10 -7.62
CA ARG A 224 20.68 -18.91 -8.20
C ARG A 224 19.70 -18.03 -8.96
N ALA A 225 19.33 -16.90 -8.34
CA ALA A 225 18.37 -16.03 -9.03
C ALA A 225 18.88 -15.47 -10.35
N ALA A 226 20.18 -15.21 -10.46
CA ALA A 226 20.76 -14.63 -11.68
C ALA A 226 20.56 -15.50 -12.91
N ARG A 227 20.38 -16.81 -12.68
CA ARG A 227 20.19 -17.72 -13.80
C ARG A 227 18.83 -17.53 -14.47
N THR A 228 17.94 -16.73 -13.84
CA THR A 228 16.60 -16.49 -14.39
C THR A 228 16.44 -15.06 -14.95
N TRP A 229 17.54 -14.36 -15.16
CA TRP A 229 17.53 -13.01 -15.77
C TRP A 229 18.44 -13.05 -16.99
N ASP A 230 18.08 -12.31 -18.04
CA ASP A 230 18.90 -12.24 -19.25
C ASP A 230 19.85 -11.05 -19.11
N PRO A 231 21.17 -11.26 -19.05
CA PRO A 231 22.04 -10.09 -18.91
C PRO A 231 22.12 -9.16 -20.09
N SER A 232 21.56 -9.52 -21.25
CA SER A 232 21.68 -8.63 -22.42
C SER A 232 21.02 -7.27 -22.18
N GLY A 233 20.05 -7.23 -21.24
CA GLY A 233 19.40 -5.98 -20.89
C GLY A 233 20.02 -5.19 -19.74
N LYS A 234 21.13 -5.66 -19.17
CA LYS A 234 21.82 -4.97 -18.07
C LYS A 234 20.82 -4.53 -17.01
N TRP A 235 20.07 -5.51 -16.52
CA TRP A 235 18.99 -5.21 -15.57
C TRP A 235 19.48 -4.48 -14.33
N TRP A 236 20.74 -4.70 -13.94
CA TRP A 236 21.23 -4.13 -12.70
C TRP A 236 21.38 -2.61 -12.72
N GLU A 237 21.35 -2.02 -13.91
CA GLU A 237 21.48 -0.54 -13.97
C GLU A 237 20.20 0.08 -13.38
N ALA A 238 19.05 -0.29 -13.93
CA ALA A 238 17.77 0.19 -13.41
C ALA A 238 17.49 -0.43 -12.06
N GLY A 239 18.13 -1.56 -11.75
CA GLY A 239 17.98 -2.14 -10.42
C GLY A 239 17.22 -3.44 -10.36
N GLY A 240 16.22 -3.58 -11.22
CA GLY A 240 15.46 -4.83 -11.30
C GLY A 240 14.14 -4.85 -10.59
N GLY A 241 14.02 -4.03 -9.54
CA GLY A 241 12.77 -3.93 -8.77
C GLY A 241 12.69 -4.92 -7.61
N GLY A 242 11.51 -5.44 -7.34
CA GLY A 242 11.38 -6.41 -6.25
C GLY A 242 11.26 -5.81 -4.86
N THR A 243 11.00 -4.52 -4.77
CA THR A 243 10.84 -3.88 -3.48
C THR A 243 9.83 -4.57 -2.58
N MET A 244 10.13 -4.59 -1.29
CA MET A 244 9.26 -5.27 -0.29
C MET A 244 8.74 -4.14 0.56
N TRP A 245 7.70 -3.50 0.02
CA TRP A 245 7.19 -2.27 0.62
C TRP A 245 6.02 -2.38 1.56
N ASP A 246 5.53 -3.61 1.77
CA ASP A 246 4.38 -3.77 2.64
C ASP A 246 4.40 -5.03 3.51
N SER A 247 3.86 -6.15 3.02
CA SER A 247 3.70 -7.33 3.87
C SER A 247 4.91 -8.12 4.30
N MET A 248 4.95 -8.42 5.61
CA MET A 248 5.91 -9.33 6.24
C MET A 248 5.13 -10.02 7.37
N THR A 249 5.38 -11.31 7.57
CA THR A 249 4.73 -12.05 8.68
C THR A 249 5.72 -13.02 9.28
N PHE A 250 5.32 -13.66 10.37
CA PHE A 250 6.26 -14.53 11.10
C PHE A 250 5.51 -15.68 11.79
N ASP A 251 6.14 -16.85 11.71
CA ASP A 251 5.65 -18.05 12.45
C ASP A 251 6.77 -18.43 13.43
N ALA A 252 6.54 -18.19 14.72
CA ALA A 252 7.56 -18.48 15.72
C ALA A 252 7.83 -19.99 15.86
N GLU A 253 6.81 -20.81 15.77
CA GLU A 253 7.02 -22.27 15.90
C GLU A 253 7.95 -22.79 14.81
N LEU A 254 7.77 -22.29 13.59
CA LEU A 254 8.62 -22.68 12.46
C LEU A 254 9.90 -21.84 12.37
N ASN A 255 10.02 -20.81 13.21
CA ASN A 255 11.16 -19.89 13.18
C ASN A 255 11.39 -19.45 11.73
N THR A 256 10.32 -18.99 11.08
CA THR A 256 10.39 -18.59 9.68
C THR A 256 9.63 -17.29 9.50
N MET A 257 10.23 -16.31 8.79
CA MET A 257 9.46 -15.10 8.48
C MET A 257 9.19 -15.18 6.97
N TYR A 258 8.21 -14.41 6.52
CA TYR A 258 7.75 -14.41 5.15
C TYR A 258 7.60 -12.97 4.69
N VAL A 259 8.05 -12.71 3.46
CA VAL A 259 7.96 -11.37 2.91
C VAL A 259 7.41 -11.44 1.48
N GLY A 260 6.52 -10.52 1.15
CA GLY A 260 6.01 -10.43 -0.23
C GLY A 260 6.90 -9.47 -1.03
N THR A 261 7.32 -9.89 -2.24
CA THR A 261 8.22 -9.05 -3.03
C THR A 261 7.50 -8.37 -4.17
N GLY A 262 8.08 -7.27 -4.64
CA GLY A 262 7.41 -6.45 -5.63
C GLY A 262 7.61 -6.71 -7.11
N ASN A 263 7.17 -5.75 -7.91
CA ASN A 263 7.22 -5.81 -9.35
C ASN A 263 8.60 -5.52 -9.94
N GLY A 264 8.73 -5.84 -11.22
CA GLY A 264 9.99 -5.56 -11.92
C GLY A 264 10.19 -4.10 -12.26
N SER A 265 11.47 -3.73 -12.32
CA SER A 265 11.89 -2.38 -12.77
C SER A 265 12.85 -2.57 -13.94
N PRO A 266 12.51 -2.08 -15.14
CA PRO A 266 11.25 -1.43 -15.51
C PRO A 266 10.15 -2.48 -15.54
N TRP A 267 8.91 -2.05 -15.72
CA TRP A 267 7.77 -2.99 -15.71
C TRP A 267 7.79 -3.96 -16.85
N SER A 268 8.22 -3.51 -18.01
CA SER A 268 8.17 -4.38 -19.21
C SER A 268 9.18 -5.50 -19.17
N HIS A 269 8.68 -6.73 -19.13
CA HIS A 269 9.55 -7.90 -19.10
C HIS A 269 10.46 -8.01 -20.33
N LYS A 270 9.93 -7.67 -21.51
CA LYS A 270 10.73 -7.75 -22.75
C LYS A 270 11.84 -6.70 -22.80
N VAL A 271 11.70 -5.61 -22.06
CA VAL A 271 12.74 -4.60 -21.98
C VAL A 271 13.71 -4.96 -20.84
N ARG A 272 13.15 -5.33 -19.68
CA ARG A 272 13.98 -5.66 -18.52
C ARG A 272 14.91 -6.87 -18.70
N SER A 273 14.38 -7.91 -19.33
CA SER A 273 15.08 -9.24 -19.45
C SER A 273 14.68 -9.68 -20.87
N PRO A 274 15.34 -9.12 -21.90
CA PRO A 274 14.98 -9.40 -23.28
C PRO A 274 14.70 -10.80 -23.77
N LYS A 275 15.61 -11.71 -23.47
CA LYS A 275 15.42 -13.08 -23.95
C LYS A 275 14.53 -13.94 -23.08
N GLY A 276 13.99 -13.35 -22.01
CA GLY A 276 13.08 -14.09 -21.15
C GLY A 276 13.64 -14.33 -19.77
N GLY A 277 12.98 -15.24 -19.05
CA GLY A 277 13.39 -15.57 -17.68
C GLY A 277 12.35 -15.22 -16.64
N ASP A 278 12.23 -16.05 -15.62
CA ASP A 278 11.25 -15.80 -14.56
C ASP A 278 11.56 -14.56 -13.72
N ASN A 279 12.83 -14.17 -13.69
CA ASN A 279 13.28 -12.99 -12.95
C ASN A 279 13.03 -13.15 -11.44
N LEU A 280 13.64 -14.17 -10.84
CA LEU A 280 13.51 -14.38 -9.38
C LEU A 280 14.26 -13.27 -8.64
N TYR A 281 13.77 -12.81 -7.48
CA TYR A 281 12.57 -13.28 -6.80
C TYR A 281 11.45 -12.25 -6.87
N LEU A 282 11.24 -11.67 -8.04
CA LEU A 282 10.14 -10.72 -8.21
C LEU A 282 8.82 -11.42 -7.97
N ALA A 283 7.81 -10.67 -7.52
CA ALA A 283 6.46 -11.21 -7.49
C ALA A 283 6.35 -12.56 -6.82
N SER A 284 6.92 -12.63 -5.64
CA SER A 284 6.96 -13.89 -4.88
C SER A 284 6.65 -13.71 -3.41
N ILE A 285 6.38 -14.85 -2.74
CA ILE A 285 6.34 -14.88 -1.29
C ILE A 285 7.67 -15.59 -0.99
N VAL A 286 8.52 -14.98 -0.16
CA VAL A 286 9.83 -15.55 0.17
C VAL A 286 9.91 -15.81 1.66
N ALA A 287 10.43 -16.99 2.00
CA ALA A 287 10.61 -17.37 3.40
C ALA A 287 12.08 -17.24 3.76
N LEU A 288 12.32 -16.56 4.86
CA LEU A 288 13.66 -16.33 5.37
C LEU A 288 13.80 -16.75 6.82
N ASP A 289 15.06 -17.00 7.20
CA ASP A 289 15.37 -17.27 8.61
C ASP A 289 15.43 -15.87 9.23
N PRO A 290 14.57 -15.57 10.21
CA PRO A 290 14.56 -14.25 10.85
C PRO A 290 15.82 -13.87 11.63
N ASP A 291 16.57 -14.88 12.04
CA ASP A 291 17.77 -14.61 12.81
C ASP A 291 18.94 -14.17 11.93
N THR A 292 19.05 -14.75 10.75
CA THR A 292 20.19 -14.50 9.88
C THR A 292 19.87 -13.86 8.53
N GLY A 293 18.57 -13.80 8.22
CA GLY A 293 18.13 -13.27 6.93
C GLY A 293 18.36 -14.24 5.77
N LYS A 294 18.74 -15.49 6.06
CA LYS A 294 19.03 -16.41 4.98
C LYS A 294 17.80 -16.98 4.28
N TYR A 295 17.84 -16.98 2.96
CA TYR A 295 16.77 -17.54 2.15
C TYR A 295 16.45 -18.99 2.49
N LYS A 296 15.16 -19.30 2.64
CA LYS A 296 14.74 -20.68 2.88
C LYS A 296 14.07 -21.25 1.63
N TRP A 297 13.07 -20.54 1.08
CA TRP A 297 12.38 -20.98 -0.13
C TRP A 297 11.52 -19.83 -0.60
N HIS A 298 10.91 -20.00 -1.77
CA HIS A 298 10.00 -19.00 -2.31
C HIS A 298 8.97 -19.67 -3.16
N TYR A 299 7.90 -18.93 -3.42
CA TYR A 299 6.88 -19.32 -4.37
C TYR A 299 6.67 -18.06 -5.19
N GLN A 300 6.88 -18.16 -6.50
CA GLN A 300 6.70 -17.00 -7.37
C GLN A 300 5.30 -17.00 -7.96
N GLU A 301 4.56 -15.95 -7.63
CA GLU A 301 3.20 -15.81 -8.09
C GLU A 301 3.09 -15.34 -9.52
N THR A 302 3.99 -14.46 -9.95
CA THR A 302 3.95 -13.97 -11.31
C THR A 302 5.32 -14.00 -11.98
N PRO A 303 5.65 -15.12 -12.60
CA PRO A 303 6.94 -15.22 -13.31
C PRO A 303 6.93 -14.23 -14.50
N GLY A 304 8.09 -13.65 -14.80
CA GLY A 304 8.25 -12.71 -15.93
C GLY A 304 7.27 -11.53 -15.78
N ASP A 305 7.20 -10.96 -14.57
CA ASP A 305 6.22 -9.90 -14.33
C ASP A 305 6.29 -8.80 -15.40
N ASN A 306 5.13 -8.42 -15.89
CA ASN A 306 5.04 -7.47 -16.97
C ASN A 306 3.92 -6.45 -16.81
N TRP A 307 3.31 -6.39 -15.62
CA TRP A 307 2.13 -5.52 -15.43
C TRP A 307 2.08 -4.84 -14.06
N ASP A 308 3.24 -4.68 -13.41
CA ASP A 308 3.31 -4.08 -12.07
C ASP A 308 2.60 -5.02 -11.07
N TYR A 309 2.76 -6.33 -11.28
CA TYR A 309 2.09 -7.28 -10.39
C TYR A 309 2.95 -7.64 -9.18
N THR A 310 2.87 -6.71 -8.24
CA THR A 310 3.55 -6.93 -6.98
C THR A 310 2.91 -8.11 -6.23
N SER A 311 3.71 -8.69 -5.32
CA SER A 311 3.23 -9.73 -4.39
C SER A 311 3.35 -9.23 -2.93
N THR A 312 3.50 -7.90 -2.75
CA THR A 312 3.63 -7.28 -1.44
C THR A 312 2.33 -7.14 -0.64
N GLN A 313 1.20 -7.47 -1.29
CA GLN A 313 -0.06 -7.31 -0.60
C GLN A 313 -0.08 -8.16 0.66
N PRO A 314 -0.87 -7.75 1.66
CA PRO A 314 -0.86 -8.51 2.92
C PRO A 314 -1.27 -9.94 2.92
N MET A 315 -0.33 -10.78 3.32
CA MET A 315 -0.62 -12.20 3.46
C MET A 315 -1.14 -12.45 4.90
N ILE A 316 -1.78 -13.59 5.07
CA ILE A 316 -2.28 -14.04 6.38
C ILE A 316 -1.82 -15.48 6.56
N LEU A 317 -1.22 -15.76 7.71
CA LEU A 317 -0.84 -17.18 8.01
C LEU A 317 -2.07 -17.77 8.72
N ALA A 318 -2.46 -18.98 8.32
CA ALA A 318 -3.63 -19.62 8.91
C ALA A 318 -3.49 -21.14 8.91
N ASP A 319 -4.26 -21.78 9.78
CA ASP A 319 -4.31 -23.24 9.90
C ASP A 319 -5.70 -23.69 9.52
N ILE A 320 -5.79 -24.34 8.38
CA ILE A 320 -7.08 -24.77 7.89
C ILE A 320 -7.00 -26.20 7.34
N LYS A 321 -8.17 -26.84 7.23
CA LYS A 321 -8.22 -28.21 6.73
C LYS A 321 -8.48 -28.21 5.25
N ILE A 322 -7.64 -28.92 4.51
CA ILE A 322 -7.81 -29.01 3.08
C ILE A 322 -7.74 -30.47 2.67
N ALA A 323 -8.70 -30.89 1.86
CA ALA A 323 -8.78 -32.28 1.44
C ALA A 323 -8.77 -33.14 2.72
N GLY A 324 -9.40 -32.61 3.76
CA GLY A 324 -9.51 -33.30 5.03
C GLY A 324 -8.25 -33.51 5.86
N LYS A 325 -7.20 -32.74 5.59
CA LYS A 325 -5.99 -32.86 6.37
C LYS A 325 -5.64 -31.46 6.88
N PRO A 326 -5.09 -31.37 8.09
CA PRO A 326 -4.72 -30.06 8.64
C PRO A 326 -3.53 -29.53 7.88
N ARG A 327 -3.60 -28.26 7.44
CA ARG A 327 -2.49 -27.69 6.70
C ARG A 327 -2.14 -26.36 7.36
N LYS A 328 -0.86 -26.05 7.28
N LYS A 328 -0.86 -26.03 7.35
CA LYS A 328 -0.31 -24.80 7.77
CA LYS A 328 -0.38 -24.74 7.86
C LYS A 328 -0.18 -24.04 6.46
C LYS A 328 -0.07 -23.96 6.58
N VAL A 329 -0.93 -22.95 6.31
CA VAL A 329 -0.87 -22.21 5.05
C VAL A 329 -0.59 -20.73 5.15
N ILE A 330 -0.43 -20.20 3.96
CA ILE A 330 -0.37 -18.75 3.76
C ILE A 330 -1.55 -18.47 2.82
N LEU A 331 -2.34 -17.45 3.18
CA LEU A 331 -3.47 -16.98 2.34
C LEU A 331 -2.98 -15.64 1.74
N HIS A 332 -3.15 -15.45 0.45
CA HIS A 332 -2.59 -14.22 -0.18
C HIS A 332 -3.38 -13.89 -1.44
N ALA A 333 -3.73 -12.61 -1.61
CA ALA A 333 -4.56 -12.20 -2.75
C ALA A 333 -3.90 -10.95 -3.31
N PRO A 334 -2.86 -11.11 -4.09
CA PRO A 334 -2.14 -9.93 -4.63
C PRO A 334 -2.80 -9.26 -5.81
N LYS A 335 -2.06 -8.31 -6.38
CA LYS A 335 -2.64 -7.55 -7.49
C LYS A 335 -3.14 -8.34 -8.70
N ASN A 336 -2.48 -9.44 -9.01
CA ASN A 336 -2.78 -10.17 -10.24
C ASN A 336 -4.13 -10.85 -10.27
N GLY A 337 -4.91 -10.74 -9.19
CA GLY A 337 -6.26 -11.23 -9.26
C GLY A 337 -6.52 -12.67 -8.87
N PHE A 338 -5.48 -13.34 -8.36
CA PHE A 338 -5.65 -14.75 -7.92
C PHE A 338 -5.51 -14.82 -6.43
N PHE A 339 -6.33 -15.69 -5.84
CA PHE A 339 -6.26 -15.96 -4.42
C PHE A 339 -5.42 -17.24 -4.27
N PHE A 340 -4.29 -17.13 -3.58
CA PHE A 340 -3.36 -18.21 -3.39
C PHE A 340 -3.42 -18.80 -1.99
N VAL A 341 -3.33 -20.14 -1.97
CA VAL A 341 -3.20 -20.86 -0.72
C VAL A 341 -1.87 -21.63 -0.91
N LEU A 342 -0.90 -21.35 -0.03
CA LEU A 342 0.43 -21.97 -0.09
C LEU A 342 0.75 -22.70 1.21
N ASP A 343 1.57 -23.74 1.14
CA ASP A 343 1.98 -24.44 2.37
C ASP A 343 3.08 -23.60 3.01
N ARG A 344 2.90 -23.10 4.25
CA ARG A 344 3.94 -22.26 4.84
C ARG A 344 5.08 -23.03 5.47
N THR A 345 5.02 -24.36 5.44
CA THR A 345 6.15 -25.11 6.00
C THR A 345 7.19 -25.34 4.93
N ASN A 346 6.82 -25.27 3.65
CA ASN A 346 7.82 -25.53 2.61
C ASN A 346 7.65 -24.77 1.32
N GLY A 347 6.63 -23.92 1.25
CA GLY A 347 6.43 -23.16 0.04
C GLY A 347 5.70 -23.85 -1.09
N LYS A 348 5.23 -25.06 -0.84
CA LYS A 348 4.50 -25.75 -1.87
C LYS A 348 3.16 -25.16 -2.21
N PHE A 349 2.90 -25.09 -3.49
CA PHE A 349 1.64 -24.60 -4.01
C PHE A 349 0.49 -25.48 -3.55
N ILE A 350 -0.61 -24.91 -3.08
CA ILE A 350 -1.79 -25.70 -2.75
C ILE A 350 -2.91 -25.36 -3.76
N SER A 351 -3.24 -24.09 -3.94
CA SER A 351 -4.28 -23.76 -4.91
C SER A 351 -4.21 -22.27 -5.27
N ALA A 352 -4.88 -21.93 -6.38
CA ALA A 352 -4.99 -20.54 -6.83
C ALA A 352 -6.25 -20.47 -7.69
N LYS A 353 -7.07 -19.44 -7.46
CA LYS A 353 -8.30 -19.24 -8.20
C LYS A 353 -8.47 -17.72 -8.37
N ASN A 354 -8.89 -17.26 -9.54
CA ASN A 354 -9.04 -15.81 -9.69
C ASN A 354 -10.30 -15.35 -8.92
N PHE A 355 -10.16 -14.23 -8.21
CA PHE A 355 -11.28 -13.69 -7.43
C PHE A 355 -12.00 -12.49 -8.11
N VAL A 356 -11.44 -12.11 -9.26
CA VAL A 356 -12.03 -11.12 -10.15
C VAL A 356 -11.68 -11.56 -11.59
N PRO A 357 -12.30 -10.94 -12.59
CA PRO A 357 -11.92 -11.33 -13.96
C PRO A 357 -10.42 -10.99 -14.20
N VAL A 358 -9.73 -11.78 -14.99
CA VAL A 358 -8.33 -11.50 -15.31
C VAL A 358 -8.09 -11.78 -16.79
N ASN A 359 -7.12 -11.12 -17.40
CA ASN A 359 -6.84 -11.41 -18.82
C ASN A 359 -5.36 -11.72 -19.12
N TRP A 360 -4.55 -12.01 -18.11
CA TRP A 360 -3.15 -12.30 -18.38
C TRP A 360 -2.87 -13.80 -18.26
N ALA A 361 -3.80 -14.52 -17.61
CA ALA A 361 -3.63 -15.97 -17.42
C ALA A 361 -5.04 -16.57 -17.41
N SER A 362 -5.13 -17.83 -17.86
CA SER A 362 -6.43 -18.52 -17.89
C SER A 362 -6.60 -19.35 -16.61
N GLY A 363 -5.53 -19.45 -15.82
CA GLY A 363 -5.52 -20.22 -14.57
C GLY A 363 -4.12 -20.69 -14.21
N TYR A 364 -3.99 -21.54 -13.18
CA TYR A 364 -2.68 -22.08 -12.80
C TYR A 364 -2.72 -23.58 -13.05
N ASP A 365 -1.60 -24.15 -13.51
CA ASP A 365 -1.51 -25.58 -13.79
C ASP A 365 -1.24 -26.37 -12.51
N LYS A 366 -1.11 -27.69 -12.64
CA LYS A 366 -0.88 -28.52 -11.47
C LYS A 366 0.45 -28.30 -10.78
N HIS A 367 1.36 -27.61 -11.44
CA HIS A 367 2.65 -27.39 -10.81
C HIS A 367 2.65 -26.01 -10.16
N GLY A 368 1.50 -25.34 -10.21
CA GLY A 368 1.39 -24.00 -9.61
C GLY A 368 1.98 -22.91 -10.49
N LYS A 369 2.02 -23.15 -11.78
CA LYS A 369 2.51 -22.16 -12.70
C LYS A 369 1.36 -21.56 -13.51
N PRO A 370 1.41 -20.25 -13.78
CA PRO A 370 0.29 -19.70 -14.55
C PRO A 370 0.32 -20.17 -16.01
N ILE A 371 -0.89 -20.30 -16.56
CA ILE A 371 -1.09 -20.63 -17.96
C ILE A 371 -1.39 -19.27 -18.62
N GLY A 372 -0.40 -18.72 -19.31
CA GLY A 372 -0.57 -17.40 -19.85
C GLY A 372 -1.50 -17.19 -21.03
N ILE A 373 -1.99 -15.98 -21.16
CA ILE A 373 -2.81 -15.58 -22.32
C ILE A 373 -1.83 -14.73 -23.13
N ALA A 374 -1.52 -15.20 -24.34
CA ALA A 374 -0.52 -14.52 -25.17
C ALA A 374 -0.60 -13.02 -25.36
N ALA A 375 -1.79 -12.51 -25.65
CA ALA A 375 -1.95 -11.09 -25.93
C ALA A 375 -1.38 -10.20 -24.82
N ALA A 376 -1.49 -10.71 -23.58
CA ALA A 376 -1.03 -9.93 -22.44
C ALA A 376 0.46 -9.68 -22.42
N ARG A 377 1.24 -10.45 -23.19
CA ARG A 377 2.67 -10.25 -23.26
C ARG A 377 3.06 -9.63 -24.57
N ASP A 378 2.05 -9.25 -25.38
CA ASP A 378 2.36 -8.57 -26.64
C ASP A 378 2.48 -7.07 -26.37
N GLY A 379 3.70 -6.62 -26.14
CA GLY A 379 3.91 -5.22 -25.82
C GLY A 379 3.95 -4.29 -27.00
N SER A 380 3.81 -4.85 -28.22
CA SER A 380 3.88 -4.02 -29.44
C SER A 380 2.63 -3.22 -29.73
N LYS A 381 1.54 -3.54 -29.06
CA LYS A 381 0.34 -2.76 -29.28
C LYS A 381 -0.42 -2.60 -27.96
N PRO A 382 -1.28 -1.60 -27.87
CA PRO A 382 -2.05 -1.38 -26.64
C PRO A 382 -2.83 -2.63 -26.28
N GLN A 383 -2.89 -2.94 -24.99
CA GLN A 383 -3.59 -4.14 -24.49
C GLN A 383 -4.18 -3.77 -23.13
N ASP A 384 -5.48 -3.99 -22.92
CA ASP A 384 -6.03 -3.74 -21.57
C ASP A 384 -5.33 -4.70 -20.61
N ALA A 385 -5.01 -4.19 -19.43
CA ALA A 385 -4.33 -4.99 -18.42
C ALA A 385 -5.33 -5.19 -17.32
N VAL A 386 -5.80 -6.42 -17.19
CA VAL A 386 -6.81 -6.72 -16.16
C VAL A 386 -6.22 -7.87 -15.32
N PRO A 387 -6.02 -7.65 -14.00
CA PRO A 387 -6.37 -6.46 -13.21
C PRO A 387 -5.58 -5.19 -13.47
N GLY A 388 -4.38 -5.33 -13.94
CA GLY A 388 -3.66 -4.07 -14.13
C GLY A 388 -2.97 -3.52 -12.89
N PRO A 389 -2.25 -2.41 -13.07
CA PRO A 389 -1.47 -1.78 -12.01
C PRO A 389 -2.11 -1.37 -10.72
N TYR A 390 -3.36 -0.91 -10.74
CA TYR A 390 -3.98 -0.59 -9.46
C TYR A 390 -4.28 -1.86 -8.63
N GLY A 391 -4.32 -3.01 -9.33
CA GLY A 391 -4.49 -4.30 -8.69
C GLY A 391 -5.92 -4.69 -8.43
N ALA A 392 -6.15 -6.01 -8.47
CA ALA A 392 -7.45 -6.54 -8.10
C ALA A 392 -7.66 -6.32 -6.60
N HIS A 393 -6.56 -6.42 -5.86
CA HIS A 393 -6.47 -6.14 -4.44
C HIS A 393 -5.09 -5.51 -4.27
N ASN A 394 -5.07 -4.35 -3.59
CA ASN A 394 -3.80 -3.66 -3.33
C ASN A 394 -3.49 -3.81 -1.83
N TRP A 395 -2.77 -2.83 -1.26
CA TRP A 395 -2.35 -2.98 0.12
C TRP A 395 -3.48 -3.01 1.16
N HIS A 396 -4.66 -2.51 0.83
CA HIS A 396 -5.76 -2.38 1.82
C HIS A 396 -5.88 -3.71 2.52
N PRO A 397 -5.76 -3.75 3.87
CA PRO A 397 -5.81 -5.07 4.47
C PRO A 397 -6.99 -5.95 4.28
N MET A 398 -6.70 -7.24 4.18
CA MET A 398 -7.79 -8.24 4.27
C MET A 398 -7.79 -8.80 5.72
N SER A 399 -8.77 -9.64 6.09
CA SER A 399 -8.78 -10.20 7.46
C SER A 399 -9.37 -11.61 7.37
N PHE A 400 -9.08 -12.44 8.34
CA PHE A 400 -9.54 -13.84 8.31
C PHE A 400 -10.28 -14.13 9.61
N ASN A 401 -11.50 -14.63 9.51
CA ASN A 401 -12.26 -15.00 10.71
C ASN A 401 -12.22 -16.54 10.73
N PRO A 402 -11.53 -17.15 11.71
CA PRO A 402 -11.47 -18.63 11.75
C PRO A 402 -12.81 -19.29 12.08
N GLN A 403 -13.75 -18.57 12.67
CA GLN A 403 -15.09 -19.18 12.97
C GLN A 403 -15.91 -19.33 11.68
N THR A 404 -15.91 -18.34 10.80
CA THR A 404 -16.63 -18.50 9.54
C THR A 404 -15.74 -19.14 8.49
N GLY A 405 -14.43 -19.07 8.70
CA GLY A 405 -13.43 -19.61 7.79
C GLY A 405 -13.24 -18.70 6.57
N LEU A 406 -13.80 -17.49 6.61
CA LEU A 406 -13.74 -16.60 5.45
C LEU A 406 -12.71 -15.47 5.55
N VAL A 407 -12.24 -15.06 4.37
CA VAL A 407 -11.28 -13.95 4.24
C VAL A 407 -12.05 -12.76 3.66
N TYR A 408 -12.04 -11.64 4.36
CA TYR A 408 -12.78 -10.44 3.94
C TYR A 408 -11.78 -9.56 3.19
N LEU A 409 -12.00 -9.59 1.89
CA LEU A 409 -11.07 -9.08 0.89
C LEU A 409 -11.57 -7.91 0.08
N PRO A 410 -10.88 -6.76 0.14
CA PRO A 410 -11.31 -5.60 -0.67
C PRO A 410 -10.87 -5.90 -2.12
N ALA A 411 -11.80 -5.90 -3.03
CA ALA A 411 -11.51 -6.17 -4.43
C ALA A 411 -11.95 -4.99 -5.29
N GLN A 412 -11.33 -4.88 -6.46
CA GLN A 412 -11.66 -3.74 -7.31
C GLN A 412 -11.10 -3.93 -8.73
N ASN A 413 -11.54 -3.02 -9.58
CA ASN A 413 -10.96 -2.87 -10.91
C ASN A 413 -10.89 -1.36 -11.24
N VAL A 414 -9.70 -0.88 -11.64
CA VAL A 414 -9.49 0.51 -12.10
C VAL A 414 -8.91 0.26 -13.50
N PRO A 415 -9.72 0.50 -14.53
CA PRO A 415 -9.25 0.23 -15.91
C PRO A 415 -7.98 0.92 -16.34
N VAL A 416 -7.05 0.15 -16.93
CA VAL A 416 -5.78 0.64 -17.45
C VAL A 416 -5.42 -0.14 -18.69
N ASN A 417 -4.86 0.54 -19.68
CA ASN A 417 -4.38 -0.07 -20.91
C ASN A 417 -2.87 0.19 -20.99
N LEU A 418 -2.10 -0.82 -21.36
CA LEU A 418 -0.65 -0.73 -21.41
C LEU A 418 -0.04 -1.22 -22.70
N MET A 419 1.10 -0.67 -23.04
CA MET A 419 1.92 -1.23 -24.11
C MET A 419 3.37 -0.94 -23.74
N ASP A 420 4.34 -1.58 -24.38
CA ASP A 420 5.73 -1.36 -24.05
C ASP A 420 6.31 -0.18 -24.76
N ASP A 421 7.29 0.46 -24.11
CA ASP A 421 8.03 1.51 -24.77
C ASP A 421 9.37 0.87 -25.08
N LYS A 422 9.50 0.38 -26.31
CA LYS A 422 10.75 -0.25 -26.70
C LYS A 422 11.95 0.70 -26.79
N LYS A 423 11.73 2.01 -26.78
CA LYS A 423 12.81 2.99 -26.88
C LYS A 423 13.21 3.60 -25.51
N TRP A 424 12.72 3.01 -24.44
CA TRP A 424 13.05 3.52 -23.12
C TRP A 424 14.53 3.34 -22.77
N GLU A 425 15.07 4.34 -22.09
CA GLU A 425 16.44 4.26 -21.55
C GLU A 425 16.31 4.73 -20.12
N PHE A 426 17.02 4.06 -19.22
CA PHE A 426 16.90 4.40 -17.80
C PHE A 426 17.26 5.86 -17.50
N ASN A 427 16.34 6.54 -16.82
CA ASN A 427 16.51 7.94 -16.41
C ASN A 427 16.64 8.95 -17.52
N GLN A 428 16.29 8.55 -18.74
CA GLN A 428 16.31 9.52 -19.83
C GLN A 428 14.87 9.95 -19.98
N ALA A 429 14.53 11.07 -19.37
CA ALA A 429 13.15 11.55 -19.42
C ALA A 429 12.80 12.12 -20.78
N GLY A 430 11.53 12.09 -21.13
CA GLY A 430 11.14 12.71 -22.39
C GLY A 430 9.63 12.76 -22.54
N PRO A 431 9.13 13.57 -23.48
CA PRO A 431 7.68 13.65 -23.69
C PRO A 431 7.10 12.26 -23.96
N GLY A 432 5.92 12.00 -23.39
CA GLY A 432 5.27 10.73 -23.58
C GLY A 432 5.73 9.58 -22.69
N LYS A 433 6.85 9.72 -21.99
CA LYS A 433 7.32 8.61 -21.11
C LYS A 433 6.69 8.96 -19.76
N PRO A 434 5.70 8.18 -19.33
CA PRO A 434 4.95 8.49 -18.09
C PRO A 434 5.68 8.82 -16.84
N GLN A 435 5.45 10.05 -16.37
CA GLN A 435 6.06 10.55 -15.15
C GLN A 435 7.58 10.45 -15.17
N SER A 436 8.19 10.36 -16.36
CA SER A 436 9.67 10.29 -16.41
C SER A 436 10.32 11.61 -15.88
N GLY A 437 9.59 12.70 -15.97
CA GLY A 437 10.07 14.01 -15.51
C GLY A 437 10.37 14.03 -14.03
N THR A 438 9.76 13.13 -13.24
CA THR A 438 10.09 13.06 -11.82
C THR A 438 10.76 11.70 -11.44
N GLY A 439 11.25 10.99 -12.44
CA GLY A 439 12.05 9.80 -12.19
C GLY A 439 11.42 8.43 -12.47
N TRP A 440 10.18 8.41 -12.95
CA TRP A 440 9.61 7.06 -13.20
C TRP A 440 10.30 6.45 -14.43
N ASN A 441 10.31 5.11 -14.42
CA ASN A 441 10.96 4.32 -15.48
C ASN A 441 10.18 3.02 -15.66
N THR A 442 8.91 3.16 -16.04
CA THR A 442 8.13 1.93 -16.22
C THR A 442 8.41 1.24 -17.56
N ALA A 443 8.92 1.99 -18.55
CA ALA A 443 9.08 1.48 -19.91
C ALA A 443 7.75 1.05 -20.51
N LYS A 444 6.66 1.70 -20.12
CA LYS A 444 5.32 1.47 -20.68
C LYS A 444 4.75 2.78 -21.21
N PHE A 445 3.71 2.63 -22.01
CA PHE A 445 2.85 3.76 -22.42
C PHE A 445 1.48 3.46 -21.84
N PHE A 446 0.78 4.46 -21.31
CA PHE A 446 -0.52 4.21 -20.72
C PHE A 446 -1.67 4.73 -21.52
N ASN A 447 -2.71 3.92 -21.64
CA ASN A 447 -3.91 4.30 -22.33
C ASN A 447 -3.65 4.87 -23.71
N ALA A 448 -2.75 4.25 -24.46
CA ALA A 448 -2.52 4.69 -25.83
C ALA A 448 -3.87 4.45 -26.56
N GLU A 449 -4.64 3.46 -26.12
CA GLU A 449 -6.02 3.25 -26.53
C GLU A 449 -6.81 3.24 -25.20
N PRO A 450 -8.05 3.71 -25.19
CA PRO A 450 -8.85 3.72 -23.96
C PRO A 450 -9.15 2.31 -23.48
N PRO A 451 -9.01 2.06 -22.15
CA PRO A 451 -9.31 0.69 -21.71
C PRO A 451 -10.82 0.45 -21.77
N LYS A 452 -11.19 -0.81 -22.00
CA LYS A 452 -12.58 -1.18 -22.17
C LYS A 452 -13.28 -1.73 -20.95
N SER A 453 -12.54 -2.20 -19.95
CA SER A 453 -13.21 -2.76 -18.77
C SER A 453 -13.85 -1.66 -17.94
N LYS A 454 -14.79 -2.02 -17.10
CA LYS A 454 -15.48 -1.04 -16.25
C LYS A 454 -14.93 -1.09 -14.85
N PRO A 455 -14.89 0.05 -14.18
CA PRO A 455 -14.37 0.05 -12.81
C PRO A 455 -15.39 -0.63 -11.88
N PHE A 456 -14.88 -1.18 -10.78
CA PHE A 456 -15.79 -1.66 -9.75
C PHE A 456 -15.05 -1.75 -8.43
N GLY A 457 -15.84 -1.83 -7.38
CA GLY A 457 -15.29 -2.06 -6.05
C GLY A 457 -16.28 -2.97 -5.30
N ARG A 458 -15.76 -3.94 -4.53
CA ARG A 458 -16.66 -4.82 -3.76
C ARG A 458 -15.88 -5.47 -2.63
N LEU A 459 -16.63 -5.83 -1.58
CA LEU A 459 -16.04 -6.51 -0.44
C LEU A 459 -16.39 -8.00 -0.66
N LEU A 460 -15.39 -8.84 -0.85
CA LEU A 460 -15.64 -10.29 -1.00
C LEU A 460 -15.39 -11.01 0.30
N ALA A 461 -16.21 -12.02 0.61
CA ALA A 461 -15.93 -12.91 1.74
C ALA A 461 -15.51 -14.18 1.01
N TRP A 462 -14.23 -14.41 0.92
CA TRP A 462 -13.64 -15.53 0.19
C TRP A 462 -13.39 -16.78 1.03
N ASP A 463 -13.82 -17.94 0.51
CA ASP A 463 -13.63 -19.20 1.21
C ASP A 463 -12.36 -19.78 0.58
N PRO A 464 -11.26 -19.81 1.35
CA PRO A 464 -9.96 -20.32 0.83
C PRO A 464 -9.87 -21.82 0.59
N VAL A 465 -10.72 -22.58 1.25
CA VAL A 465 -10.74 -24.03 1.07
C VAL A 465 -11.49 -24.37 -0.23
N ALA A 466 -12.71 -23.84 -0.39
CA ALA A 466 -13.50 -24.08 -1.61
C ALA A 466 -13.06 -23.20 -2.77
N GLN A 467 -12.25 -22.19 -2.47
CA GLN A 467 -11.75 -21.25 -3.51
C GLN A 467 -12.91 -20.65 -4.31
N LYS A 468 -13.79 -19.99 -3.58
CA LYS A 468 -14.92 -19.29 -4.14
C LYS A 468 -15.45 -18.25 -3.14
N ALA A 469 -16.25 -17.32 -3.65
CA ALA A 469 -16.83 -16.26 -2.84
C ALA A 469 -18.07 -16.77 -2.11
N ALA A 470 -18.10 -16.62 -0.78
CA ALA A 470 -19.25 -16.98 0.02
C ALA A 470 -20.28 -15.87 -0.05
N TRP A 471 -19.84 -14.59 -0.13
CA TRP A 471 -20.75 -13.48 -0.32
C TRP A 471 -19.93 -12.32 -0.85
N SER A 472 -20.65 -11.32 -1.35
CA SER A 472 -20.00 -10.15 -1.94
C SER A 472 -20.91 -8.94 -1.77
N VAL A 473 -20.34 -7.80 -1.37
CA VAL A 473 -21.08 -6.56 -1.23
C VAL A 473 -20.50 -5.55 -2.23
N GLU A 474 -21.34 -5.06 -3.13
CA GLU A 474 -20.90 -4.13 -4.14
C GLU A 474 -20.88 -2.69 -3.65
N HIS A 475 -19.77 -2.02 -3.95
CA HIS A 475 -19.61 -0.63 -3.56
C HIS A 475 -19.76 0.23 -4.82
N VAL A 476 -19.80 1.55 -4.65
CA VAL A 476 -19.97 2.43 -5.81
C VAL A 476 -18.67 2.79 -6.53
N SER A 477 -17.57 2.58 -5.84
CA SER A 477 -16.26 2.96 -6.35
C SER A 477 -15.20 1.95 -6.02
N PRO A 478 -14.12 1.96 -6.78
CA PRO A 478 -13.01 1.06 -6.42
C PRO A 478 -12.29 1.78 -5.19
N TRP A 479 -11.27 1.11 -4.67
CA TRP A 479 -10.38 1.70 -3.67
C TRP A 479 -11.01 1.95 -2.32
N ASN A 480 -11.77 0.96 -1.89
CA ASN A 480 -12.36 0.96 -0.56
C ASN A 480 -11.30 0.43 0.40
N GLY A 481 -11.61 0.59 1.68
CA GLY A 481 -10.59 0.32 2.71
C GLY A 481 -10.37 -1.10 3.15
N GLY A 482 -9.38 -1.25 4.03
CA GLY A 482 -9.03 -2.55 4.57
C GLY A 482 -10.09 -3.02 5.57
N THR A 483 -10.00 -4.31 5.90
CA THR A 483 -11.03 -4.88 6.78
C THR A 483 -10.53 -5.34 8.15
N LEU A 484 -11.53 -5.54 9.03
CA LEU A 484 -11.33 -6.05 10.40
C LEU A 484 -12.46 -7.04 10.64
N THR A 485 -12.15 -8.16 11.28
CA THR A 485 -13.28 -9.07 11.60
C THR A 485 -13.11 -9.51 13.04
N THR A 486 -14.20 -9.92 13.68
CA THR A 486 -14.10 -10.27 15.11
C THR A 486 -15.03 -11.46 15.44
N ALA A 487 -14.82 -12.00 16.64
CA ALA A 487 -15.64 -13.11 17.16
C ALA A 487 -17.09 -12.68 17.47
N GLY A 488 -17.42 -11.40 17.30
CA GLY A 488 -18.78 -10.95 17.43
C GLY A 488 -19.55 -11.14 16.10
N ASN A 489 -18.92 -11.84 15.14
CA ASN A 489 -19.54 -12.14 13.86
C ASN A 489 -19.81 -10.89 13.04
N VAL A 490 -18.85 -9.95 13.12
CA VAL A 490 -18.98 -8.74 12.33
C VAL A 490 -17.66 -8.52 11.56
N VAL A 491 -17.80 -7.76 10.46
CA VAL A 491 -16.70 -7.35 9.59
C VAL A 491 -16.82 -5.84 9.46
N PHE A 492 -15.74 -5.12 9.74
CA PHE A 492 -15.76 -3.66 9.58
C PHE A 492 -14.90 -3.28 8.36
N GLN A 493 -15.43 -2.31 7.61
CA GLN A 493 -14.71 -1.80 6.43
C GLN A 493 -15.18 -0.40 6.11
N GLY A 494 -14.22 0.52 5.92
CA GLY A 494 -14.58 1.88 5.46
C GLY A 494 -14.69 1.88 3.92
N THR A 495 -15.46 2.83 3.41
CA THR A 495 -15.68 2.94 1.98
C THR A 495 -15.07 4.18 1.38
N ALA A 496 -14.82 4.10 0.08
CA ALA A 496 -14.32 5.28 -0.66
C ALA A 496 -15.37 6.39 -0.60
N ASP A 497 -16.67 6.02 -0.51
CA ASP A 497 -17.71 7.05 -0.43
C ASP A 497 -18.00 7.58 0.95
N GLY A 498 -17.10 7.29 1.90
CA GLY A 498 -17.19 8.03 3.15
C GLY A 498 -17.95 7.51 4.33
N ARG A 499 -17.92 6.19 4.52
CA ARG A 499 -18.57 5.56 5.68
C ARG A 499 -17.71 4.49 6.29
N LEU A 500 -17.93 4.25 7.59
CA LEU A 500 -17.35 3.07 8.20
C LEU A 500 -18.60 2.18 8.34
N VAL A 501 -18.47 0.92 7.90
CA VAL A 501 -19.63 0.01 7.90
C VAL A 501 -19.28 -1.32 8.58
N ALA A 502 -20.29 -1.89 9.26
CA ALA A 502 -20.12 -3.24 9.82
C ALA A 502 -21.12 -4.15 9.08
N TYR A 503 -20.66 -5.33 8.67
CA TYR A 503 -21.48 -6.35 8.00
C TYR A 503 -21.48 -7.62 8.82
N HIS A 504 -22.54 -8.42 8.66
CA HIS A 504 -22.55 -9.71 9.34
C HIS A 504 -21.47 -10.60 8.70
N ALA A 505 -20.60 -11.23 9.51
CA ALA A 505 -19.52 -12.02 8.94
C ALA A 505 -19.97 -13.23 8.10
N ALA A 506 -21.18 -13.74 8.40
CA ALA A 506 -21.64 -14.93 7.67
C ALA A 506 -22.40 -14.64 6.40
N THR A 507 -23.07 -13.50 6.36
CA THR A 507 -23.94 -13.20 5.25
C THR A 507 -23.65 -11.97 4.42
N GLY A 508 -22.88 -11.05 4.99
CA GLY A 508 -22.62 -9.80 4.29
C GLY A 508 -23.69 -8.76 4.48
N GLU A 509 -24.75 -9.07 5.26
CA GLU A 509 -25.81 -8.10 5.50
C GLU A 509 -25.23 -6.86 6.22
N LYS A 510 -25.61 -5.66 5.79
CA LYS A 510 -25.13 -4.45 6.46
C LYS A 510 -25.90 -4.26 7.79
N LEU A 511 -25.16 -4.16 8.88
CA LEU A 511 -25.75 -4.00 10.20
C LEU A 511 -25.65 -2.62 10.82
N GLU A 513 -23.66 1.64 10.19
CA GLU A 513 -22.74 2.49 9.46
C GLU A 513 -22.75 3.89 10.05
N ALA A 514 -21.64 4.60 9.84
CA ALA A 514 -21.55 6.00 10.23
C ALA A 514 -20.74 6.74 9.19
N PRO A 515 -21.06 8.03 8.97
CA PRO A 515 -20.29 8.79 7.99
C PRO A 515 -18.91 9.14 8.55
N THR A 516 -17.92 9.23 7.64
CA THR A 516 -16.55 9.63 8.03
C THR A 516 -16.12 10.91 7.32
N GLY A 517 -17.00 11.42 6.47
CA GLY A 517 -16.69 12.67 5.82
C GLY A 517 -15.91 12.38 4.56
N THR A 518 -14.65 11.95 4.72
CA THR A 518 -13.73 11.62 3.62
C THR A 518 -13.72 10.10 3.43
N GLY A 519 -13.30 9.69 2.24
CA GLY A 519 -13.16 8.28 1.91
C GLY A 519 -12.14 7.62 2.85
N VAL A 520 -12.36 6.33 3.13
CA VAL A 520 -11.52 5.58 4.06
C VAL A 520 -10.68 4.55 3.34
N VAL A 521 -9.38 4.51 3.60
CA VAL A 521 -8.53 3.46 3.03
C VAL A 521 -7.90 2.53 4.07
N ALA A 522 -7.59 3.05 5.26
CA ALA A 522 -6.94 2.21 6.28
C ALA A 522 -7.93 1.23 6.92
N ALA A 523 -7.40 0.09 7.39
CA ALA A 523 -8.24 -0.87 8.08
C ALA A 523 -8.39 -0.51 9.56
N PRO A 524 -9.54 -0.83 10.16
CA PRO A 524 -9.78 -0.53 11.58
C PRO A 524 -9.10 -1.57 12.49
N SER A 525 -8.95 -1.19 13.77
CA SER A 525 -8.53 -2.13 14.81
C SER A 525 -9.55 -2.05 15.95
N THR A 526 -9.47 -3.01 16.89
CA THR A 526 -10.44 -3.01 18.01
C THR A 526 -9.66 -3.52 19.23
N TYR A 527 -10.13 -3.10 20.42
CA TYR A 527 -9.38 -3.36 21.66
C TYR A 527 -10.29 -3.04 22.86
N MET A 528 -9.85 -3.45 24.05
CA MET A 528 -10.61 -3.19 25.26
C MET A 528 -9.94 -2.10 26.08
N VAL A 529 -10.74 -1.27 26.73
CA VAL A 529 -10.23 -0.26 27.67
C VAL A 529 -11.22 -0.24 28.84
N ASP A 530 -10.74 -0.57 30.04
CA ASP A 530 -11.59 -0.55 31.26
C ASP A 530 -12.93 -1.24 31.06
N GLY A 531 -12.87 -2.42 30.49
CA GLY A 531 -14.05 -3.20 30.29
C GLY A 531 -14.98 -2.89 29.14
N ARG A 532 -14.60 -1.93 28.29
CA ARG A 532 -15.45 -1.60 27.13
C ARG A 532 -14.61 -1.81 25.87
N GLN A 533 -15.30 -2.32 24.85
CA GLN A 533 -14.66 -2.56 23.56
C GLN A 533 -14.84 -1.35 22.65
N TYR A 534 -13.74 -0.99 22.00
CA TYR A 534 -13.75 0.14 21.05
C TYR A 534 -13.26 -0.30 19.67
N VAL A 535 -13.77 0.39 18.64
CA VAL A 535 -13.35 0.15 17.27
C VAL A 535 -12.82 1.49 16.73
N SER A 536 -11.58 1.46 16.22
CA SER A 536 -11.00 2.72 15.73
C SER A 536 -10.53 2.58 14.30
N VAL A 537 -10.72 3.66 13.53
CA VAL A 537 -10.22 3.71 12.14
C VAL A 537 -9.62 5.10 11.91
N ALA A 538 -8.45 5.09 11.25
CA ALA A 538 -7.73 6.36 10.92
C ALA A 538 -8.17 6.66 9.48
N VAL A 539 -8.83 7.80 9.29
CA VAL A 539 -9.44 8.18 8.02
C VAL A 539 -8.65 9.29 7.34
N GLY A 540 -8.14 9.02 6.13
CA GLY A 540 -7.38 10.05 5.38
C GLY A 540 -7.32 9.54 3.96
N TRP A 541 -8.22 10.04 3.11
CA TRP A 541 -8.29 9.57 1.75
C TRP A 541 -6.95 9.72 1.06
N GLY A 542 -6.55 8.70 0.31
CA GLY A 542 -5.26 8.80 -0.36
C GLY A 542 -4.79 7.48 -0.95
N GLY A 543 -3.47 7.30 -0.98
CA GLY A 543 -2.90 6.15 -1.68
C GLY A 543 -2.89 6.51 -3.17
N VAL A 544 -2.37 5.63 -4.03
CA VAL A 544 -2.15 6.09 -5.41
C VAL A 544 -3.42 6.52 -6.16
N TYR A 545 -4.49 5.75 -6.01
CA TYR A 545 -5.75 6.13 -6.67
C TYR A 545 -6.33 7.39 -6.03
N GLY A 546 -6.18 7.53 -4.69
CA GLY A 546 -6.73 8.66 -3.98
C GLY A 546 -6.04 10.00 -4.23
N LEU A 547 -4.91 10.00 -4.92
CA LEU A 547 -4.29 11.28 -5.26
C LEU A 547 -5.21 12.03 -6.22
N ALA A 548 -5.74 11.30 -7.19
CA ALA A 548 -6.46 11.89 -8.31
C ALA A 548 -7.95 11.69 -8.46
N ALA A 549 -8.52 10.77 -7.69
CA ALA A 549 -9.96 10.51 -7.81
C ALA A 549 -10.55 10.43 -6.40
N ARG A 550 -11.85 10.57 -6.28
CA ARG A 550 -12.54 10.47 -5.00
C ARG A 550 -14.01 10.15 -5.22
N ALA A 551 -14.63 9.65 -4.16
CA ALA A 551 -16.03 9.31 -4.21
C ALA A 551 -16.86 10.02 -3.17
N THR A 552 -16.35 11.13 -2.64
CA THR A 552 -17.15 11.97 -1.73
C THR A 552 -16.96 13.37 -2.26
N GLU A 553 -17.81 14.29 -1.91
CA GLU A 553 -17.51 15.60 -2.42
C GLU A 553 -16.66 16.32 -1.38
N ARG A 554 -16.90 15.98 -0.13
CA ARG A 554 -16.22 16.59 1.01
C ARG A 554 -14.73 16.16 1.25
N GLN A 555 -13.86 17.13 1.56
CA GLN A 555 -12.42 16.91 1.86
C GLN A 555 -12.20 17.54 3.22
N GLY A 556 -11.36 16.93 4.06
CA GLY A 556 -11.12 17.41 5.42
C GLY A 556 -9.84 16.79 5.96
N PRO A 557 -9.39 17.14 7.17
CA PRO A 557 -8.15 16.55 7.67
C PRO A 557 -8.26 15.11 8.12
N GLY A 558 -7.10 14.46 8.14
CA GLY A 558 -7.04 13.07 8.62
C GLY A 558 -7.63 13.03 10.03
N THR A 559 -8.41 12.00 10.35
CA THR A 559 -9.07 11.90 11.65
C THR A 559 -9.18 10.45 12.08
N VAL A 560 -8.89 10.20 13.36
CA VAL A 560 -9.12 8.87 13.92
C VAL A 560 -10.55 8.91 14.52
N TYR A 561 -11.40 7.98 14.09
CA TYR A 561 -12.75 7.89 14.66
C TYR A 561 -12.79 6.65 15.51
N THR A 562 -13.30 6.79 16.73
CA THR A 562 -13.37 5.65 17.64
C THR A 562 -14.79 5.49 18.13
N PHE A 563 -15.33 4.27 17.96
CA PHE A 563 -16.71 3.93 18.28
C PHE A 563 -16.79 2.93 19.43
N VAL A 564 -17.95 2.97 20.12
CA VAL A 564 -18.21 2.11 21.27
C VAL A 564 -19.71 1.91 21.32
N VAL A 565 -20.20 0.83 21.95
CA VAL A 565 -21.68 0.75 22.05
C VAL A 565 -22.15 1.93 22.96
N GLY A 566 -23.07 2.75 22.44
CA GLY A 566 -23.68 3.92 23.13
C GLY A 566 -22.97 5.26 23.02
N GLY A 567 -21.88 5.33 22.25
CA GLY A 567 -21.15 6.63 22.25
C GLY A 567 -21.98 7.84 21.82
N LYS A 568 -21.69 8.97 22.48
CA LYS A 568 -22.38 10.25 22.24
C LYS A 568 -21.58 11.43 21.75
N ALA A 569 -20.27 11.24 21.51
CA ALA A 569 -19.45 12.35 21.01
C ALA A 569 -20.02 12.89 19.71
N ARG A 570 -19.86 14.20 19.51
CA ARG A 570 -20.37 14.79 18.29
C ARG A 570 -19.32 14.65 17.19
N MET A 571 -19.82 14.43 15.98
CA MET A 571 -18.99 14.27 14.81
C MET A 571 -18.34 15.56 14.39
N PRO A 572 -17.13 15.49 13.83
CA PRO A 572 -16.45 16.70 13.38
C PRO A 572 -17.20 17.18 12.14
N GLU A 573 -16.89 18.41 11.72
CA GLU A 573 -17.42 19.07 10.53
C GLU A 573 -18.75 19.79 10.76
N THR A 579 -16.59 17.89 -8.00
CA THR A 579 -17.25 19.17 -7.59
C THR A 579 -16.62 20.35 -8.35
N GLY A 580 -17.12 21.55 -8.08
CA GLY A 580 -16.56 22.73 -8.73
C GLY A 580 -16.86 22.90 -10.20
N GLN A 581 -16.36 24.00 -10.74
CA GLN A 581 -16.58 24.33 -12.13
C GLN A 581 -15.49 23.85 -13.07
N LEU A 582 -15.90 23.22 -14.17
CA LEU A 582 -14.96 22.75 -15.18
C LEU A 582 -14.25 23.98 -15.76
N LEU A 583 -12.92 23.95 -15.74
CA LEU A 583 -12.10 25.05 -16.21
C LEU A 583 -12.57 25.61 -17.56
N GLN A 584 -12.63 26.93 -17.65
CA GLN A 584 -13.03 27.54 -18.92
C GLN A 584 -12.45 28.92 -19.05
N GLY A 585 -12.23 29.34 -20.29
CA GLY A 585 -11.74 30.70 -20.52
C GLY A 585 -10.27 30.97 -20.64
N VAL A 586 -9.44 29.96 -20.38
CA VAL A 586 -8.00 30.17 -20.47
C VAL A 586 -7.61 30.28 -21.93
N LYS A 587 -6.88 31.33 -22.28
CA LYS A 587 -6.45 31.48 -23.67
C LYS A 587 -5.33 30.45 -23.97
N TYR A 588 -5.48 29.74 -25.07
CA TYR A 588 -4.48 28.74 -25.47
C TYR A 588 -4.50 28.52 -26.97
N ASP A 589 -3.43 27.87 -27.45
CA ASP A 589 -3.32 27.57 -28.87
C ASP A 589 -3.72 26.09 -29.04
N PRO A 590 -4.88 25.80 -29.66
CA PRO A 590 -5.26 24.38 -29.81
C PRO A 590 -4.26 23.52 -30.53
N ALA A 591 -3.43 24.12 -31.40
CA ALA A 591 -2.45 23.36 -32.12
C ALA A 591 -1.38 22.75 -31.22
N LYS A 592 -1.28 23.29 -30.01
CA LYS A 592 -0.28 22.78 -29.07
C LYS A 592 -0.81 21.67 -28.16
N VAL A 593 -2.05 21.22 -28.36
CA VAL A 593 -2.62 20.17 -27.50
C VAL A 593 -1.85 18.87 -27.54
N GLU A 594 -1.46 18.41 -28.73
CA GLU A 594 -0.71 17.13 -28.79
C GLU A 594 0.63 17.24 -28.07
N ALA A 595 1.36 18.31 -28.27
CA ALA A 595 2.66 18.48 -27.62
C ALA A 595 2.42 18.57 -26.10
N GLY A 596 1.36 19.29 -25.71
CA GLY A 596 1.05 19.44 -24.30
C GLY A 596 0.68 18.12 -23.68
N THR A 597 -0.01 17.26 -24.43
CA THR A 597 -0.38 15.96 -23.92
C THR A 597 0.87 15.15 -23.58
N MET A 598 1.87 15.11 -24.46
N MET A 598 1.86 15.17 -24.48
CA MET A 598 3.05 14.31 -24.10
CA MET A 598 3.08 14.41 -24.23
C MET A 598 3.92 14.96 -23.03
C MET A 598 3.85 14.96 -23.04
N LEU A 599 3.93 16.29 -22.94
CA LEU A 599 4.66 16.90 -21.83
C LEU A 599 3.91 16.61 -20.51
N TYR A 600 2.58 16.59 -20.55
CA TYR A 600 1.78 16.39 -19.32
C TYR A 600 1.93 14.94 -18.83
N VAL A 601 1.88 13.99 -19.77
CA VAL A 601 2.07 12.59 -19.39
C VAL A 601 3.44 12.41 -18.78
N ALA A 602 4.45 13.12 -19.32
CA ALA A 602 5.79 12.98 -18.78
C ALA A 602 6.03 13.67 -17.44
N ASN A 603 5.18 14.63 -17.07
CA ASN A 603 5.50 15.42 -15.89
C ASN A 603 4.47 15.57 -14.81
N CYS A 604 3.19 15.31 -15.12
CA CYS A 604 2.16 15.65 -14.18
C CYS A 604 1.07 14.64 -13.90
N VAL A 605 0.88 13.69 -14.83
CA VAL A 605 -0.30 12.86 -14.76
C VAL A 605 -0.51 11.94 -13.57
N PHE A 606 0.58 11.45 -13.00
CA PHE A 606 0.39 10.53 -11.88
C PHE A 606 0.21 11.20 -10.50
N CYS A 607 0.12 12.55 -10.54
CA CYS A 607 -0.30 13.25 -9.34
C CYS A 607 -1.61 13.99 -9.59
N HIS A 608 -1.74 14.65 -10.75
CA HIS A 608 -2.93 15.45 -11.07
C HIS A 608 -4.00 14.78 -11.93
N GLY A 609 -3.76 13.51 -12.30
CA GLY A 609 -4.74 12.80 -13.09
C GLY A 609 -4.92 13.44 -14.46
N VAL A 610 -6.04 13.15 -15.12
CA VAL A 610 -6.36 13.73 -16.42
C VAL A 610 -7.26 14.93 -16.18
N PRO A 611 -6.87 16.11 -16.69
CA PRO A 611 -7.71 17.28 -16.44
C PRO A 611 -9.19 17.11 -16.83
N GLY A 612 -10.10 17.48 -15.93
CA GLY A 612 -11.50 17.38 -16.24
C GLY A 612 -12.07 15.97 -16.17
N VAL A 613 -11.40 15.01 -16.79
CA VAL A 613 -11.90 13.63 -16.76
C VAL A 613 -11.91 13.11 -15.33
N ASP A 614 -10.81 13.29 -14.60
CA ASP A 614 -10.74 12.95 -13.18
C ASP A 614 -11.14 14.20 -12.42
N ARG A 615 -11.66 14.04 -11.21
CA ARG A 615 -12.18 15.16 -10.43
C ARG A 615 -11.26 15.68 -9.37
N GLY A 616 -10.20 14.91 -9.08
CA GLY A 616 -9.28 15.28 -8.02
C GLY A 616 -9.47 14.42 -6.81
N GLY A 617 -8.38 14.11 -6.13
CA GLY A 617 -8.42 13.33 -4.89
C GLY A 617 -7.80 14.24 -3.85
N ASN A 618 -6.78 13.78 -3.14
CA ASN A 618 -6.15 14.62 -2.15
C ASN A 618 -5.18 15.62 -2.80
N ILE A 619 -5.00 15.48 -4.13
CA ILE A 619 -4.26 16.50 -4.92
C ILE A 619 -5.36 17.02 -5.89
N PRO A 620 -5.46 18.35 -6.02
CA PRO A 620 -6.50 18.90 -6.88
C PRO A 620 -6.27 18.68 -8.37
N ASN A 621 -7.36 18.48 -9.11
CA ASN A 621 -7.29 18.29 -10.57
C ASN A 621 -7.19 19.68 -11.23
N LEU A 622 -6.32 19.76 -12.21
CA LEU A 622 -6.10 21.06 -12.89
C LEU A 622 -7.29 21.54 -13.70
N GLY A 623 -8.13 20.59 -14.14
CA GLY A 623 -9.34 20.92 -14.90
C GLY A 623 -10.49 21.49 -14.06
N TYR A 624 -10.30 21.59 -12.76
CA TYR A 624 -11.31 22.17 -11.88
C TYR A 624 -10.75 23.31 -11.07
N MET A 625 -9.53 23.73 -11.38
CA MET A 625 -8.98 24.87 -10.67
C MET A 625 -9.49 26.17 -11.25
N ASP A 626 -9.32 27.22 -10.47
CA ASP A 626 -9.67 28.54 -10.95
C ASP A 626 -8.78 28.79 -12.17
N ALA A 627 -9.29 29.48 -13.16
CA ALA A 627 -8.54 29.78 -14.36
C ALA A 627 -7.23 30.49 -14.09
N SER A 628 -7.11 31.27 -13.02
CA SER A 628 -5.90 32.01 -12.72
C SER A 628 -4.65 31.10 -12.58
N TYR A 629 -4.85 29.89 -12.07
CA TYR A 629 -3.74 28.97 -11.88
C TYR A 629 -3.21 28.47 -13.21
N ILE A 630 -4.09 28.32 -14.19
CA ILE A 630 -3.69 27.79 -15.49
C ILE A 630 -3.18 28.94 -16.41
N GLU A 631 -3.88 30.07 -16.37
CA GLU A 631 -3.43 31.24 -17.13
C GLU A 631 -2.01 31.57 -16.68
N ASN A 632 -1.72 31.49 -15.38
CA ASN A 632 -0.41 31.82 -14.83
C ASN A 632 0.42 30.63 -14.37
N LEU A 633 0.29 29.54 -15.12
CA LEU A 633 0.94 28.29 -14.77
C LEU A 633 2.43 28.35 -14.42
N PRO A 634 3.26 29.17 -15.13
CA PRO A 634 4.67 29.20 -14.75
C PRO A 634 4.92 29.58 -13.27
N ASN A 635 4.00 30.41 -12.74
CA ASN A 635 4.12 30.87 -11.36
C ASN A 635 4.04 29.73 -10.38
N PHE A 636 3.39 28.65 -10.85
CA PHE A 636 3.16 27.48 -10.02
C PHE A 636 4.05 26.27 -10.28
N VAL A 637 4.62 26.16 -11.47
CA VAL A 637 5.46 24.98 -11.72
C VAL A 637 6.99 25.18 -11.52
N PHE A 638 7.43 26.44 -11.36
CA PHE A 638 8.85 26.75 -11.15
C PHE A 638 8.94 27.39 -9.78
N LYS A 639 9.59 26.67 -8.88
CA LYS A 639 9.79 27.09 -7.47
C LYS A 639 8.51 27.73 -6.97
N GLY A 640 7.40 27.02 -7.10
CA GLY A 640 6.13 27.57 -6.71
C GLY A 640 5.84 27.57 -5.21
N PRO A 641 4.78 28.28 -4.89
CA PRO A 641 4.36 28.39 -3.49
C PRO A 641 3.86 27.08 -2.86
N ALA A 642 3.57 26.11 -3.70
CA ALA A 642 3.08 24.84 -3.21
C ALA A 642 4.20 23.81 -3.03
N MET A 643 5.49 24.19 -3.20
CA MET A 643 6.57 23.22 -2.95
C MET A 643 6.50 22.62 -1.54
N VAL A 644 6.14 23.44 -0.57
CA VAL A 644 6.05 23.00 0.81
C VAL A 644 4.91 21.99 1.02
N ARG A 645 4.01 21.90 0.05
CA ARG A 645 2.91 20.91 0.12
C ARG A 645 3.19 19.70 -0.78
N GLY A 646 4.38 19.63 -1.40
CA GLY A 646 4.69 18.48 -2.23
C GLY A 646 4.59 18.65 -3.76
N MET A 647 4.31 19.87 -4.22
CA MET A 647 4.28 20.14 -5.68
C MET A 647 5.75 20.29 -6.11
N PRO A 648 6.25 19.47 -7.01
CA PRO A 648 7.67 19.58 -7.43
C PRO A 648 8.01 20.89 -8.14
N ASP A 649 9.33 21.13 -8.16
CA ASP A 649 9.89 22.27 -8.89
C ASP A 649 10.30 21.73 -10.29
N PHE A 650 9.77 22.34 -11.37
CA PHE A 650 10.14 21.89 -12.68
C PHE A 650 11.24 22.70 -13.35
N THR A 651 11.94 23.49 -12.54
CA THR A 651 13.12 24.20 -13.09
C THR A 651 14.11 23.18 -13.67
N GLY A 652 14.57 23.42 -14.91
CA GLY A 652 15.50 22.50 -15.56
C GLY A 652 14.78 21.33 -16.22
N LYS A 653 13.47 21.26 -16.06
CA LYS A 653 12.69 20.15 -16.65
C LYS A 653 11.71 20.67 -17.71
N LEU A 654 11.16 21.88 -17.51
CA LEU A 654 10.26 22.48 -18.49
C LEU A 654 10.92 23.80 -18.88
N SER A 655 10.81 24.18 -20.15
CA SER A 655 11.46 25.44 -20.54
C SER A 655 10.84 25.97 -21.80
N GLY A 656 11.17 27.23 -22.12
CA GLY A 656 10.61 27.86 -23.31
C GLY A 656 9.09 27.85 -23.22
N ASP A 657 8.49 27.31 -24.30
N ASP A 657 8.44 27.36 -24.27
CA ASP A 657 7.06 27.20 -24.54
CA ASP A 657 6.99 27.36 -24.30
C ASP A 657 6.42 25.89 -24.04
C ASP A 657 6.35 26.09 -23.79
N ASP A 658 7.12 25.19 -23.17
CA ASP A 658 6.58 23.93 -22.65
C ASP A 658 5.37 24.22 -21.80
N VAL A 659 5.41 25.29 -21.00
CA VAL A 659 4.26 25.57 -20.15
C VAL A 659 3.03 26.00 -20.95
N GLU A 660 3.27 26.72 -22.04
CA GLU A 660 2.14 27.08 -22.92
C GLU A 660 1.51 25.82 -23.50
N SER A 661 2.33 24.83 -23.89
CA SER A 661 1.79 23.57 -24.39
C SER A 661 0.98 22.86 -23.29
N LEU A 662 1.50 22.86 -22.05
CA LEU A 662 0.71 22.27 -20.95
C LEU A 662 -0.65 22.98 -20.80
N LYS A 663 -0.67 24.32 -20.87
CA LYS A 663 -1.93 25.05 -20.78
C LYS A 663 -2.89 24.62 -21.86
N ALA A 664 -2.36 24.43 -23.08
CA ALA A 664 -3.22 24.00 -24.16
C ALA A 664 -3.82 22.62 -23.88
N PHE A 665 -3.00 21.69 -23.37
CA PHE A 665 -3.56 20.41 -23.06
C PHE A 665 -4.60 20.51 -21.93
N ILE A 666 -4.31 21.31 -20.90
CA ILE A 666 -5.27 21.37 -19.78
C ILE A 666 -6.58 22.00 -20.19
N GLN A 667 -6.54 23.23 -20.75
CA GLN A 667 -7.81 23.84 -21.16
C GLN A 667 -8.45 23.09 -22.36
N GLY A 668 -7.62 22.56 -23.27
CA GLY A 668 -8.16 21.84 -24.42
C GLY A 668 -8.90 20.58 -24.01
N THR A 669 -8.38 19.87 -23.00
CA THR A 669 -9.06 18.65 -22.56
C THR A 669 -10.37 19.01 -21.87
N ALA A 670 -10.37 20.04 -21.01
CA ALA A 670 -11.61 20.49 -20.38
C ALA A 670 -12.61 20.93 -21.46
N ASP A 671 -12.13 21.60 -22.52
CA ASP A 671 -13.08 22.06 -23.59
C ASP A 671 -13.67 20.86 -24.32
N ALA A 672 -12.86 19.83 -24.56
CA ALA A 672 -13.33 18.65 -25.29
C ALA A 672 -14.39 17.84 -24.56
N ILE A 673 -14.38 17.84 -23.24
CA ILE A 673 -15.37 17.07 -22.51
C ILE A 673 -16.52 17.90 -21.96
N ARG A 674 -16.50 19.21 -22.18
CA ARG A 674 -17.57 20.06 -21.65
C ARG A 674 -18.91 19.68 -22.28
N PRO A 675 -19.95 19.47 -21.44
CA PRO A 675 -21.28 19.11 -21.92
C PRO A 675 -21.84 20.07 -22.98
#